data_5XJB
#
_entry.id   5XJB
#
_cell.length_a   89.452
_cell.length_b   166.593
_cell.length_c   75.500
_cell.angle_alpha   90.000
_cell.angle_beta   90.000
_cell.angle_gamma   90.000
#
_symmetry.space_group_name_H-M   'P 21 21 2'
#
loop_
_entity.id
_entity.type
_entity.pdbx_description
1 polymer 'Kinesin-like protein KIF2C'
2 non-polymer "ADENOSINE-5'-DIPHOSPHATE"
3 non-polymer 'BERYLLIUM TRIFLUORIDE ION'
4 non-polymer 'MAGNESIUM ION'
5 water water
#
_entity_poly.entity_id   1
_entity_poly.type   'polypeptide(L)'
_entity_poly.pdbx_seq_one_letter_code
;MASMTGGQQMGRDPNSSVRRKSCIVKEMEKMKNKREEKRAQNSELRIKRAQEYDSSFPNWEFARMIKEFRVTMECSPLTV
TDPIEEHRICVCVRKRPLNKQELAKKEIDVISVPSKCLLLVHEPKLKVDLTKYLENQAFCFDFAFDETASNEVVYRFTAR
PLVQTIFEGGKATCFAYGQTGSGKTHTMGGDLSGKSQNASKGIYAMASRDVFLLKNQPRYRNLNLEVYVTFFEIYNGKVF
DLLNKKAKLRVLEDSRQQVQVVGLQEYLVTCADDVIKMINMGSACRTSGQTFANSNSSRSHACFQILLRTKGRLHGKFSL
VDLAGNERGADTSSADRQTRMEGAEINKSLLALKECIRALGQNKAHTPFRESKLTQVLRDSFIGENSRTCMIAMISPGIS
SCEYTLNTLRYADRVKELSHHHHHHH
;
_entity_poly.pdbx_strand_id   A,B
#
loop_
_chem_comp.id
_chem_comp.type
_chem_comp.name
_chem_comp.formula
ADP non-polymer ADENOSINE-5'-DIPHOSPHATE 'C10 H15 N5 O10 P2'
BEF non-polymer 'BERYLLIUM TRIFLUORIDE ION' 'Be F3 -1'
MG non-polymer 'MAGNESIUM ION' 'Mg 2'
#
# COMPACT_ATOMS: atom_id res chain seq x y z
N PRO A 58 38.03 1.99 -6.07
CA PRO A 58 38.56 2.41 -7.39
C PRO A 58 37.47 2.80 -8.37
N ASN A 59 36.54 1.89 -8.71
CA ASN A 59 35.37 2.23 -9.57
C ASN A 59 33.97 2.26 -8.89
N TRP A 60 33.93 2.61 -7.61
CA TRP A 60 32.67 2.71 -6.86
C TRP A 60 31.51 3.35 -7.65
N GLU A 61 31.74 4.50 -8.29
CA GLU A 61 30.67 5.20 -9.01
C GLU A 61 30.02 4.29 -10.05
N PHE A 62 30.84 3.64 -10.85
CA PHE A 62 30.35 2.65 -11.79
C PHE A 62 29.62 1.52 -11.07
N ALA A 63 30.23 1.04 -10.00
CA ALA A 63 29.64 -0.04 -9.20
C ALA A 63 28.27 0.35 -8.65
N ARG A 64 28.18 1.58 -8.19
CA ARG A 64 26.97 2.09 -7.59
C ARG A 64 25.87 2.20 -8.62
N MET A 65 26.19 2.80 -9.77
CA MET A 65 25.22 2.92 -10.89
C MET A 65 24.66 1.56 -11.27
N ILE A 66 25.55 0.56 -11.21
CA ILE A 66 25.19 -0.81 -11.50
C ILE A 66 24.26 -1.35 -10.41
N LYS A 67 24.64 -1.17 -9.15
CA LYS A 67 23.80 -1.56 -7.98
C LYS A 67 22.39 -1.00 -8.17
N GLU A 68 22.31 0.29 -8.43
CA GLU A 68 21.05 0.98 -8.63
C GLU A 68 20.27 0.35 -9.77
N PHE A 69 20.96 0.06 -10.88
CA PHE A 69 20.31 -0.63 -12.01
C PHE A 69 19.74 -1.96 -11.54
N ARG A 70 20.60 -2.76 -10.93
CA ARG A 70 20.25 -4.13 -10.51
C ARG A 70 19.07 -4.14 -9.48
N VAL A 71 19.13 -3.22 -8.54
CA VAL A 71 18.08 -3.04 -7.55
C VAL A 71 16.74 -2.67 -8.18
N THR A 72 16.76 -1.73 -9.12
CA THR A 72 15.52 -1.30 -9.79
C THR A 72 14.91 -2.40 -10.67
N MET A 73 15.71 -3.36 -11.13
CA MET A 73 15.18 -4.54 -11.87
C MET A 73 14.50 -5.56 -10.94
N GLU A 74 15.25 -5.94 -9.91
CA GLU A 74 14.79 -6.89 -8.90
C GLU A 74 13.90 -6.11 -7.95
N CYS A 75 12.72 -5.75 -8.44
CA CYS A 75 11.70 -5.03 -7.64
C CYS A 75 10.32 -5.40 -8.17
N SER A 76 9.40 -5.54 -7.23
CA SER A 76 8.01 -5.89 -7.51
C SER A 76 7.15 -4.61 -7.51
N PRO A 77 5.85 -4.74 -7.78
CA PRO A 77 4.91 -3.65 -7.50
C PRO A 77 4.66 -3.31 -6.02
N LEU A 78 5.07 -4.18 -5.08
CA LEU A 78 4.90 -3.90 -3.64
C LEU A 78 5.73 -2.74 -3.10
N THR A 79 6.84 -2.39 -3.74
CA THR A 79 7.76 -1.34 -3.24
C THR A 79 7.19 0.09 -3.24
N VAL A 80 6.56 0.50 -4.35
CA VAL A 80 5.98 1.88 -4.44
C VAL A 80 4.67 1.92 -3.66
N THR A 81 3.88 0.85 -3.81
CA THR A 81 2.55 0.77 -3.20
C THR A 81 2.58 0.43 -1.71
N ASP A 82 3.73 -0.04 -1.22
CA ASP A 82 3.95 -0.25 0.23
C ASP A 82 3.96 1.08 0.96
N PRO A 83 2.97 1.33 1.84
CA PRO A 83 3.21 2.35 2.86
C PRO A 83 4.07 1.69 3.95
N ILE A 84 4.42 2.37 5.03
CA ILE A 84 5.33 1.75 6.05
C ILE A 84 6.80 1.91 5.58
N GLU A 85 6.99 2.56 4.43
CA GLU A 85 8.28 2.98 3.90
C GLU A 85 8.10 4.07 2.86
N GLU A 86 8.75 5.21 3.08
CA GLU A 86 8.56 6.36 2.22
C GLU A 86 9.12 6.02 0.84
N HIS A 87 8.34 6.25 -0.21
CA HIS A 87 8.86 6.20 -1.57
C HIS A 87 8.58 7.56 -2.29
N ARG A 88 9.39 8.56 -1.90
CA ARG A 88 9.23 9.98 -2.30
C ARG A 88 9.33 10.28 -3.79
N ILE A 89 10.07 9.46 -4.54
CA ILE A 89 10.24 9.64 -6.00
C ILE A 89 10.00 8.35 -6.78
N CYS A 90 8.97 8.35 -7.60
CA CYS A 90 8.68 7.25 -8.50
C CYS A 90 8.85 7.71 -9.94
N VAL A 91 9.53 6.91 -10.74
CA VAL A 91 9.72 7.24 -12.14
C VAL A 91 9.31 6.07 -12.99
N CYS A 92 8.49 6.34 -14.00
CA CYS A 92 7.98 5.28 -14.87
C CYS A 92 8.14 5.65 -16.30
N VAL A 93 7.92 4.65 -17.14
CA VAL A 93 8.00 4.82 -18.57
C VAL A 93 6.80 4.13 -19.23
N ARG A 94 6.24 4.77 -20.24
CA ARG A 94 5.08 4.22 -20.95
C ARG A 94 5.27 4.37 -22.45
N LYS A 95 5.36 3.24 -23.11
CA LYS A 95 5.41 3.14 -24.55
C LYS A 95 4.01 3.22 -25.08
N ARG A 96 3.76 4.11 -26.00
CA ARG A 96 2.50 4.06 -26.75
C ARG A 96 2.69 3.23 -28.04
N PRO A 97 1.59 2.71 -28.62
CA PRO A 97 1.67 1.98 -29.89
C PRO A 97 1.86 2.88 -31.08
N LEU A 98 2.50 2.37 -32.13
CA LEU A 98 2.54 3.07 -33.42
C LEU A 98 1.12 3.26 -33.90
N ASN A 99 0.79 4.47 -34.35
CA ASN A 99 -0.58 4.77 -34.81
C ASN A 99 -0.73 4.61 -36.33
N LYS A 100 -1.92 4.86 -36.84
CA LYS A 100 -2.29 4.58 -38.24
C LYS A 100 -1.41 5.36 -39.22
N GLN A 101 -1.18 6.64 -38.93
CA GLN A 101 -0.36 7.52 -39.79
C GLN A 101 1.09 7.07 -39.82
N GLU A 102 1.58 6.59 -38.69
CA GLU A 102 2.97 6.13 -38.56
C GLU A 102 3.17 4.80 -39.33
N LEU A 103 2.24 3.88 -39.15
CA LEU A 103 2.19 2.63 -39.94
C LEU A 103 2.05 2.92 -41.45
N ALA A 104 1.20 3.88 -41.78
CA ALA A 104 1.03 4.39 -43.15
C ALA A 104 2.33 4.91 -43.82
N LYS A 105 3.26 5.42 -43.03
CA LYS A 105 4.63 5.77 -43.53
C LYS A 105 5.66 4.64 -43.31
N LYS A 106 5.15 3.42 -43.10
CA LYS A 106 5.97 2.24 -42.76
C LYS A 106 7.14 2.57 -41.79
N GLU A 107 6.76 3.18 -40.67
CA GLU A 107 7.68 3.44 -39.56
C GLU A 107 7.92 2.13 -38.83
N ILE A 108 9.18 1.84 -38.53
CA ILE A 108 9.55 0.70 -37.67
C ILE A 108 9.32 1.02 -36.20
N ASP A 109 8.70 0.08 -35.48
CA ASP A 109 8.66 0.10 -34.03
C ASP A 109 10.01 -0.39 -33.50
N VAL A 110 10.70 0.48 -32.76
CA VAL A 110 12.07 0.23 -32.27
C VAL A 110 12.18 0.14 -30.75
N ILE A 111 11.05 -0.10 -30.10
CA ILE A 111 10.98 -0.21 -28.63
C ILE A 111 10.40 -1.53 -28.22
N SER A 112 10.97 -2.14 -27.19
CA SER A 112 10.38 -3.32 -26.57
C SER A 112 10.36 -3.16 -25.06
N VAL A 113 9.36 -3.76 -24.43
CA VAL A 113 9.19 -3.69 -22.96
C VAL A 113 9.06 -5.15 -22.49
N PRO A 114 10.19 -5.84 -22.37
CA PRO A 114 10.17 -7.26 -22.11
C PRO A 114 9.91 -7.67 -20.66
N SER A 115 9.80 -6.73 -19.75
CA SER A 115 9.49 -7.01 -18.36
C SER A 115 8.77 -5.81 -17.75
N LYS A 116 8.23 -5.95 -16.55
CA LYS A 116 7.53 -4.82 -15.91
C LYS A 116 8.52 -3.69 -15.51
N CYS A 117 9.82 -4.00 -15.45
CA CYS A 117 10.86 -3.00 -15.11
C CYS A 117 11.77 -2.54 -16.26
N LEU A 118 11.86 -3.31 -17.34
CA LEU A 118 12.83 -3.03 -18.39
C LEU A 118 12.19 -2.45 -19.62
N LEU A 119 12.86 -1.45 -20.18
CA LEU A 119 12.54 -0.96 -21.50
C LEU A 119 13.78 -1.09 -22.35
N LEU A 120 13.61 -1.62 -23.55
CA LEU A 120 14.70 -1.72 -24.54
C LEU A 120 14.47 -0.75 -25.72
N VAL A 121 15.51 -0.01 -26.10
CA VAL A 121 15.56 0.74 -27.36
C VAL A 121 16.48 0.01 -28.35
N HIS A 122 15.92 -0.34 -29.51
CA HIS A 122 16.65 -1.03 -30.58
C HIS A 122 17.15 0.04 -31.54
N GLU A 123 18.23 0.70 -31.14
CA GLU A 123 18.76 1.86 -31.86
C GLU A 123 19.38 1.38 -33.14
N PRO A 124 18.83 1.81 -34.29
CA PRO A 124 19.39 1.41 -35.59
C PRO A 124 20.63 2.24 -35.92
N LYS A 125 21.68 1.54 -36.36
CA LYS A 125 23.02 2.12 -36.55
C LYS A 125 23.70 1.61 -37.80
N LEU A 126 24.61 2.43 -38.35
CA LEU A 126 25.54 2.00 -39.41
C LEU A 126 26.97 1.95 -38.95
N LYS A 127 27.64 0.85 -39.25
CA LYS A 127 29.09 0.78 -39.13
C LYS A 127 29.69 1.77 -40.11
N VAL A 128 30.96 2.09 -39.91
CA VAL A 128 31.67 3.05 -40.79
C VAL A 128 31.54 2.69 -42.27
N ASP A 129 31.57 1.40 -42.53
CA ASP A 129 31.47 0.82 -43.88
C ASP A 129 30.06 0.63 -44.45
N LEU A 130 29.03 1.16 -43.79
CA LEU A 130 27.60 1.13 -44.20
C LEU A 130 26.77 -0.10 -43.80
N THR A 131 27.44 -1.08 -43.18
CA THR A 131 26.82 -2.26 -42.53
C THR A 131 25.81 -1.85 -41.43
N LYS A 132 24.55 -2.29 -41.55
CA LYS A 132 23.53 -2.00 -40.55
C LYS A 132 23.64 -2.91 -39.34
N TYR A 133 23.32 -2.34 -38.18
CA TYR A 133 23.27 -3.09 -36.92
C TYR A 133 22.43 -2.41 -35.82
N LEU A 134 22.12 -3.15 -34.75
CA LEU A 134 21.37 -2.59 -33.62
C LEU A 134 22.28 -2.35 -32.46
N GLU A 135 22.09 -1.23 -31.77
CA GLU A 135 22.64 -1.06 -30.44
C GLU A 135 21.43 -1.10 -29.55
N ASN A 136 21.29 -2.25 -28.89
CA ASN A 136 20.13 -2.55 -28.07
C ASN A 136 20.43 -2.08 -26.68
N GLN A 137 19.77 -0.99 -26.31
CA GLN A 137 20.04 -0.31 -25.07
C GLN A 137 18.96 -0.55 -24.06
N ALA A 138 19.37 -0.87 -22.85
CA ALA A 138 18.45 -1.19 -21.76
C ALA A 138 18.31 -0.05 -20.74
N PHE A 139 17.07 0.17 -20.34
CA PHE A 139 16.72 1.13 -19.32
C PHE A 139 15.72 0.50 -18.37
N CYS A 140 15.94 0.69 -17.08
CA CYS A 140 15.04 0.15 -16.06
C CYS A 140 14.37 1.29 -15.32
N PHE A 141 13.15 1.03 -14.90
CA PHE A 141 12.34 1.99 -14.15
C PHE A 141 11.49 1.26 -13.15
N ASP A 142 10.91 2.02 -12.22
CA ASP A 142 10.02 1.48 -11.20
C ASP A 142 8.89 0.74 -11.89
N PHE A 143 8.33 1.32 -12.92
CA PHE A 143 7.44 0.59 -13.84
C PHE A 143 7.62 1.00 -15.28
N ALA A 144 7.33 0.03 -16.14
CA ALA A 144 7.50 0.13 -17.56
C ALA A 144 6.25 -0.43 -18.21
N PHE A 145 5.47 0.43 -18.82
CA PHE A 145 4.23 0.02 -19.44
C PHE A 145 4.44 -0.08 -20.93
N ASP A 146 3.94 -1.15 -21.53
CA ASP A 146 4.10 -1.38 -22.98
C ASP A 146 2.86 -0.92 -23.74
N GLU A 147 2.85 -1.20 -25.04
CA GLU A 147 1.88 -0.62 -25.97
C GLU A 147 0.46 -1.11 -25.77
N THR A 148 0.31 -2.05 -24.84
CA THR A 148 -1.00 -2.63 -24.48
C THR A 148 -1.59 -2.06 -23.20
N ALA A 149 -0.75 -1.49 -22.36
CA ALA A 149 -1.20 -1.03 -21.05
C ALA A 149 -2.24 0.08 -21.18
N SER A 150 -3.39 -0.11 -20.55
CA SER A 150 -4.44 0.90 -20.50
C SER A 150 -4.09 2.04 -19.57
N ASN A 151 -4.84 3.14 -19.70
CA ASN A 151 -4.68 4.29 -18.81
C ASN A 151 -4.98 3.86 -17.37
N GLU A 152 -5.93 2.94 -17.22
CA GLU A 152 -6.30 2.47 -15.89
C GLU A 152 -5.12 1.73 -15.24
N VAL A 153 -4.44 0.91 -16.02
CA VAL A 153 -3.26 0.19 -15.53
C VAL A 153 -2.14 1.17 -15.17
N VAL A 154 -1.86 2.13 -16.06
CA VAL A 154 -0.86 3.15 -15.80
C VAL A 154 -1.20 3.92 -14.51
N TYR A 155 -2.46 4.32 -14.40
CA TYR A 155 -2.94 5.06 -13.22
C TYR A 155 -2.69 4.30 -11.93
N ARG A 156 -2.96 2.99 -11.94
CA ARG A 156 -2.87 2.13 -10.74
C ARG A 156 -1.50 2.14 -10.04
N PHE A 157 -0.42 2.36 -10.81
CA PHE A 157 0.96 2.32 -10.28
C PHE A 157 1.73 3.62 -10.28
N THR A 158 1.14 4.63 -10.90
CA THR A 158 1.76 5.94 -10.97
C THR A 158 1.18 6.85 -9.87
N ALA A 159 -0.02 7.37 -10.14
CA ALA A 159 -0.67 8.39 -9.31
C ALA A 159 -1.50 7.81 -8.17
N ARG A 160 -2.25 6.74 -8.46
CA ARG A 160 -3.15 6.14 -7.46
C ARG A 160 -2.55 5.99 -6.04
N PRO A 161 -1.29 5.52 -5.93
CA PRO A 161 -0.66 5.47 -4.60
C PRO A 161 -0.54 6.82 -3.89
N LEU A 162 -0.25 7.87 -4.65
CA LEU A 162 -0.15 9.25 -4.13
C LEU A 162 -1.45 9.88 -3.63
N VAL A 163 -2.59 9.36 -4.06
CA VAL A 163 -3.90 9.88 -3.61
C VAL A 163 -3.92 9.94 -2.10
N GLN A 164 -3.71 8.80 -1.48
CA GLN A 164 -3.63 8.74 -0.01
C GLN A 164 -2.74 9.84 0.64
N THR A 165 -1.62 10.19 0.04
CA THR A 165 -0.73 11.21 0.59
C THR A 165 -1.41 12.55 0.93
N ILE A 166 -2.36 13.00 0.10
CA ILE A 166 -3.05 14.29 0.35
C ILE A 166 -3.98 14.15 1.56
N PHE A 167 -4.67 13.01 1.65
CA PHE A 167 -5.47 12.68 2.84
C PHE A 167 -4.67 12.63 4.18
N GLU A 168 -3.40 12.25 4.11
CA GLU A 168 -2.49 12.31 5.28
C GLU A 168 -1.82 13.68 5.44
N GLY A 169 -2.46 14.70 4.88
CA GLY A 169 -2.01 16.08 5.05
C GLY A 169 -0.83 16.44 4.17
N GLY A 170 -0.62 15.65 3.12
CA GLY A 170 0.59 15.79 2.29
C GLY A 170 0.34 16.52 0.99
N LYS A 171 1.43 16.85 0.32
CA LYS A 171 1.37 17.33 -1.04
C LYS A 171 1.94 16.29 -2.02
N ALA A 172 1.16 16.00 -3.06
CA ALA A 172 1.57 15.11 -4.13
C ALA A 172 1.67 15.86 -5.47
N THR A 173 2.44 15.27 -6.36
CA THR A 173 2.64 15.74 -7.74
C THR A 173 2.83 14.56 -8.69
N CYS A 174 2.23 14.62 -9.86
CA CYS A 174 2.42 13.60 -10.88
C CYS A 174 2.61 14.27 -12.25
N PHE A 175 3.67 13.91 -12.95
CA PHE A 175 4.08 14.59 -14.19
C PHE A 175 4.11 13.64 -15.37
N ALA A 176 3.48 14.04 -16.45
CA ALA A 176 3.58 13.37 -17.73
C ALA A 176 4.60 14.17 -18.50
N TYR A 177 5.67 13.50 -18.90
CA TYR A 177 6.88 14.11 -19.46
C TYR A 177 7.22 13.37 -20.76
N GLY A 178 7.68 14.09 -21.76
CA GLY A 178 8.03 13.41 -23.01
C GLY A 178 7.95 14.30 -24.22
N GLN A 179 8.25 13.72 -25.37
CA GLN A 179 8.18 14.47 -26.63
C GLN A 179 6.75 14.69 -27.03
N THR A 180 6.59 15.62 -27.95
CA THR A 180 5.28 15.89 -28.52
C THR A 180 4.79 14.66 -29.30
N GLY A 181 3.53 14.32 -29.03
CA GLY A 181 2.86 13.18 -29.64
C GLY A 181 3.07 11.83 -28.99
N SER A 182 3.66 11.82 -27.81
CA SER A 182 4.06 10.57 -27.11
C SER A 182 3.04 9.98 -26.12
N GLY A 183 2.01 10.76 -25.79
CA GLY A 183 0.92 10.30 -24.93
C GLY A 183 0.70 11.01 -23.62
N LYS A 184 1.31 12.17 -23.45
CA LYS A 184 1.19 12.92 -22.20
C LYS A 184 -0.25 13.26 -21.96
N THR A 185 -0.86 13.85 -22.95
CA THR A 185 -2.25 14.34 -22.81
C THR A 185 -3.26 13.17 -22.79
N HIS A 186 -3.00 12.16 -23.59
CA HIS A 186 -3.81 10.95 -23.59
C HIS A 186 -3.86 10.35 -22.22
N THR A 187 -2.72 10.36 -21.54
CA THR A 187 -2.60 9.78 -20.20
C THR A 187 -3.36 10.62 -19.17
N MET A 188 -3.11 11.92 -19.16
CA MET A 188 -3.64 12.80 -18.09
C MET A 188 -5.06 13.32 -18.37
N GLY A 189 -5.24 13.81 -19.58
CA GLY A 189 -6.46 14.45 -20.04
C GLY A 189 -7.48 13.48 -20.59
N GLY A 190 -7.02 12.48 -21.35
CA GLY A 190 -7.90 11.45 -21.94
C GLY A 190 -8.31 11.89 -23.34
N GLN A 197 -10.68 14.33 -25.87
CA GLN A 197 -12.12 14.66 -25.80
C GLN A 197 -12.87 14.04 -24.60
N ASN A 198 -12.39 12.88 -24.14
CA ASN A 198 -13.02 12.12 -23.07
C ASN A 198 -12.19 12.16 -21.77
N ALA A 199 -12.48 13.16 -20.93
CA ALA A 199 -11.76 13.40 -19.65
C ALA A 199 -11.69 12.20 -18.68
N SER A 200 -12.78 11.41 -18.68
CA SER A 200 -12.99 10.27 -17.75
C SER A 200 -11.99 9.12 -17.89
N LYS A 201 -11.40 8.99 -19.07
CA LYS A 201 -10.38 7.97 -19.32
C LYS A 201 -9.00 8.40 -18.84
N GLY A 202 -8.86 9.62 -18.34
CA GLY A 202 -7.58 10.17 -17.87
C GLY A 202 -7.25 9.96 -16.40
N ILE A 203 -6.03 10.34 -16.05
CA ILE A 203 -5.54 10.30 -14.66
C ILE A 203 -6.18 11.38 -13.81
N TYR A 204 -6.39 12.57 -14.37
CA TYR A 204 -7.11 13.66 -13.63
C TYR A 204 -8.43 13.05 -13.09
N ALA A 205 -9.20 12.47 -14.01
CA ALA A 205 -10.50 11.89 -13.67
C ALA A 205 -10.41 10.76 -12.67
N MET A 206 -9.46 9.87 -12.91
CA MET A 206 -9.28 8.67 -12.08
C MET A 206 -8.80 9.02 -10.69
N ALA A 207 -7.85 9.93 -10.60
CA ALA A 207 -7.36 10.45 -9.29
C ALA A 207 -8.54 10.96 -8.48
N SER A 208 -9.38 11.72 -9.17
CA SER A 208 -10.56 12.35 -8.58
C SER A 208 -11.58 11.33 -8.10
N ARG A 209 -11.95 10.41 -8.99
CA ARG A 209 -12.78 9.25 -8.65
C ARG A 209 -12.39 8.67 -7.31
N ASP A 210 -11.10 8.36 -7.17
CA ASP A 210 -10.54 7.73 -5.98
C ASP A 210 -10.45 8.69 -4.80
N VAL A 211 -10.23 9.98 -5.05
CA VAL A 211 -10.26 11.01 -3.99
C VAL A 211 -11.62 11.01 -3.28
N PHE A 212 -12.68 10.87 -4.07
CA PHE A 212 -14.03 10.80 -3.51
C PHE A 212 -14.26 9.55 -2.68
N LEU A 213 -13.77 8.41 -3.14
CA LEU A 213 -13.90 7.15 -2.37
C LEU A 213 -13.18 7.24 -1.02
N LEU A 214 -11.97 7.76 -1.02
CA LEU A 214 -11.23 7.98 0.24
C LEU A 214 -11.93 8.92 1.24
N LYS A 215 -12.66 9.88 0.71
CA LYS A 215 -13.40 10.86 1.52
C LYS A 215 -14.53 10.19 2.33
N ASN A 216 -15.27 9.32 1.66
CA ASN A 216 -16.41 8.57 2.25
C ASN A 216 -16.01 7.25 2.93
N GLN A 217 -14.72 7.08 3.25
CA GLN A 217 -14.27 5.99 4.12
C GLN A 217 -14.20 6.42 5.61
N PRO A 218 -14.58 5.48 6.52
CA PRO A 218 -14.40 5.63 7.96
C PRO A 218 -13.15 6.39 8.40
N ARG A 219 -11.99 6.01 7.85
CA ARG A 219 -10.70 6.60 8.28
C ARG A 219 -10.73 8.13 8.18
N TYR A 220 -11.43 8.64 7.19
CA TYR A 220 -11.35 10.06 6.80
C TYR A 220 -12.64 10.91 6.96
N ARG A 221 -13.78 10.29 7.27
CA ARG A 221 -15.08 11.00 7.52
C ARG A 221 -15.01 12.09 8.61
N ASN A 222 -14.27 11.78 9.68
CA ASN A 222 -14.05 12.72 10.80
C ASN A 222 -13.43 14.06 10.41
N LEU A 223 -12.64 14.07 9.32
CA LEU A 223 -11.89 15.28 8.94
C LEU A 223 -12.75 16.45 8.42
N ASN A 224 -13.98 16.16 7.97
CA ASN A 224 -14.88 17.18 7.39
C ASN A 224 -14.16 17.95 6.29
N LEU A 225 -13.98 17.28 5.17
CA LEU A 225 -13.17 17.79 4.08
C LEU A 225 -14.05 18.22 2.94
N GLU A 226 -13.71 19.35 2.34
CA GLU A 226 -14.33 19.77 1.09
C GLU A 226 -13.31 19.68 -0.03
N VAL A 227 -13.74 19.19 -1.19
CA VAL A 227 -12.86 18.98 -2.33
C VAL A 227 -12.99 20.16 -3.31
N TYR A 228 -11.87 20.82 -3.60
CA TYR A 228 -11.80 21.84 -4.65
C TYR A 228 -10.91 21.40 -5.80
N VAL A 229 -11.02 22.09 -6.93
CA VAL A 229 -10.19 21.83 -8.13
C VAL A 229 -9.70 23.13 -8.72
N THR A 230 -8.50 23.12 -9.28
CA THR A 230 -8.01 24.24 -10.14
C THR A 230 -7.56 23.67 -11.47
N PHE A 231 -7.46 24.52 -12.48
CA PHE A 231 -7.02 24.05 -13.82
C PHE A 231 -6.44 25.20 -14.61
N PHE A 232 -5.15 25.13 -14.89
CA PHE A 232 -4.47 26.22 -15.56
C PHE A 232 -3.35 25.77 -16.47
N GLU A 233 -2.96 26.69 -17.34
CA GLU A 233 -1.98 26.47 -18.39
C GLU A 233 -0.85 27.47 -18.12
N ILE A 234 0.40 27.00 -18.19
CA ILE A 234 1.58 27.86 -18.11
C ILE A 234 2.21 27.94 -19.50
N TYR A 235 2.22 29.15 -20.06
CA TYR A 235 2.67 29.43 -21.44
C TYR A 235 3.53 30.71 -21.49
N ASN A 236 4.73 30.60 -22.05
CA ASN A 236 5.69 31.71 -22.10
C ASN A 236 5.77 32.43 -20.77
N GLY A 237 6.02 31.69 -19.70
CA GLY A 237 6.09 32.29 -18.35
C GLY A 237 4.92 33.16 -17.85
N LYS A 238 3.72 32.92 -18.35
CA LYS A 238 2.50 33.54 -17.83
C LYS A 238 1.53 32.41 -17.49
N VAL A 239 0.75 32.57 -16.43
CA VAL A 239 -0.29 31.61 -16.00
C VAL A 239 -1.67 32.03 -16.52
N PHE A 240 -2.46 31.08 -17.01
CA PHE A 240 -3.79 31.37 -17.58
C PHE A 240 -4.83 30.42 -16.99
N ASP A 241 -5.85 30.96 -16.32
CA ASP A 241 -6.88 30.12 -15.66
C ASP A 241 -7.83 29.49 -16.69
N LEU A 242 -7.81 28.16 -16.79
CA LEU A 242 -8.61 27.45 -17.80
C LEU A 242 -10.06 27.24 -17.34
N LEU A 243 -10.31 27.40 -16.05
CA LEU A 243 -11.70 27.36 -15.50
C LEU A 243 -12.36 28.76 -15.46
N ASN A 244 -11.74 29.69 -16.15
CA ASN A 244 -12.12 31.09 -16.12
C ASN A 244 -11.64 31.76 -17.40
N LYS A 245 -11.95 31.11 -18.52
CA LYS A 245 -11.75 31.67 -19.86
C LYS A 245 -10.34 32.23 -20.07
N LYS A 246 -9.31 31.43 -19.80
CA LYS A 246 -7.89 31.81 -20.06
C LYS A 246 -7.47 33.17 -19.45
N ALA A 247 -8.05 33.52 -18.33
CA ALA A 247 -7.71 34.75 -17.63
C ALA A 247 -6.23 34.77 -17.24
N LYS A 248 -5.46 35.66 -17.85
CA LYS A 248 -4.06 35.86 -17.45
C LYS A 248 -3.94 36.28 -15.99
N LEU A 249 -3.18 35.50 -15.23
CA LEU A 249 -3.04 35.72 -13.80
C LEU A 249 -1.64 36.23 -13.49
N ARG A 250 -1.51 36.75 -12.29
CA ARG A 250 -0.27 37.31 -11.85
C ARG A 250 0.29 36.46 -10.72
N VAL A 251 1.52 36.00 -10.91
CA VAL A 251 2.20 35.17 -9.90
C VAL A 251 3.00 36.11 -9.02
N LEU A 252 2.97 35.88 -7.71
CA LEU A 252 3.68 36.73 -6.73
C LEU A 252 4.46 35.93 -5.72
N GLU A 253 5.67 36.41 -5.42
CA GLU A 253 6.44 35.97 -4.25
C GLU A 253 6.06 36.86 -3.08
N ASP A 254 5.33 36.28 -2.12
CA ASP A 254 5.04 36.94 -0.85
C ASP A 254 6.39 37.21 -0.17
N SER A 255 6.51 38.37 0.49
CA SER A 255 7.62 38.66 1.43
C SER A 255 7.91 37.51 2.42
N ARG A 256 6.92 36.65 2.67
CA ARG A 256 7.12 35.36 3.38
C ARG A 256 7.76 34.24 2.50
N GLN A 257 8.40 34.60 1.38
CA GLN A 257 9.09 33.66 0.44
C GLN A 257 8.21 32.59 -0.29
N GLN A 258 6.89 32.72 -0.13
CA GLN A 258 5.96 31.71 -0.65
C GLN A 258 5.12 32.29 -1.79
N VAL A 259 4.71 31.41 -2.68
CA VAL A 259 4.14 31.79 -3.97
C VAL A 259 2.62 31.75 -3.95
N GLN A 260 2.03 32.80 -4.51
CA GLN A 260 0.57 32.90 -4.60
C GLN A 260 0.21 33.25 -6.03
N VAL A 261 -0.72 32.49 -6.60
CA VAL A 261 -1.26 32.80 -7.92
C VAL A 261 -2.52 33.63 -7.67
N VAL A 262 -2.46 34.88 -8.09
CA VAL A 262 -3.51 35.84 -7.78
C VAL A 262 -4.61 35.72 -8.83
N GLY A 263 -5.79 35.34 -8.36
CA GLY A 263 -6.98 35.25 -9.20
C GLY A 263 -7.33 33.85 -9.64
N LEU A 264 -6.56 32.88 -9.15
CA LEU A 264 -6.74 31.51 -9.56
C LEU A 264 -8.01 31.02 -8.93
N GLN A 265 -8.96 30.69 -9.79
CA GLN A 265 -10.22 30.15 -9.35
C GLN A 265 -10.12 28.69 -8.88
N GLU A 266 -10.38 28.48 -7.59
CA GLU A 266 -10.76 27.17 -7.06
C GLU A 266 -12.26 26.97 -7.14
N TYR A 267 -12.69 25.79 -7.51
CA TYR A 267 -14.10 25.47 -7.55
C TYR A 267 -14.48 24.21 -6.82
N LEU A 268 -15.44 24.34 -5.91
CA LEU A 268 -15.94 23.22 -5.14
C LEU A 268 -16.51 22.14 -6.08
N VAL A 269 -16.23 20.90 -5.71
CA VAL A 269 -16.77 19.72 -6.41
C VAL A 269 -17.15 18.66 -5.38
N THR A 270 -18.20 17.92 -5.71
CA THR A 270 -18.85 17.02 -4.74
C THR A 270 -18.87 15.56 -5.21
N CYS A 271 -18.30 15.32 -6.37
CA CYS A 271 -18.70 14.23 -7.19
C CYS A 271 -17.68 14.05 -8.31
N ALA A 272 -17.36 12.82 -8.67
CA ALA A 272 -16.41 12.56 -9.76
C ALA A 272 -16.82 13.33 -11.01
N ASP A 273 -18.09 13.16 -11.39
CA ASP A 273 -18.65 13.74 -12.63
C ASP A 273 -18.58 15.26 -12.68
N ASP A 274 -18.81 15.92 -11.54
CA ASP A 274 -18.55 17.35 -11.39
C ASP A 274 -17.14 17.61 -11.97
N VAL A 275 -16.15 16.94 -11.40
CA VAL A 275 -14.75 17.10 -11.78
C VAL A 275 -14.53 16.88 -13.27
N ILE A 276 -15.09 15.81 -13.80
CA ILE A 276 -15.00 15.55 -15.24
C ILE A 276 -15.65 16.73 -16.02
N LYS A 277 -16.75 17.28 -15.51
CA LYS A 277 -17.42 18.44 -16.14
C LYS A 277 -16.37 19.56 -16.24
N MET A 278 -15.82 19.95 -15.09
CA MET A 278 -14.74 20.96 -15.03
C MET A 278 -13.51 20.71 -15.94
N ILE A 279 -13.06 19.46 -16.00
CA ILE A 279 -11.91 19.09 -16.85
C ILE A 279 -12.28 19.31 -18.31
N ASN A 280 -13.43 18.79 -18.71
CA ASN A 280 -13.92 18.97 -20.08
C ASN A 280 -14.04 20.45 -20.49
N MET A 281 -14.48 21.28 -19.57
CA MET A 281 -14.61 22.71 -19.82
C MET A 281 -13.21 23.34 -20.00
N GLY A 282 -12.34 23.16 -19.02
CA GLY A 282 -10.95 23.64 -19.08
C GLY A 282 -10.19 23.17 -20.31
N SER A 283 -10.43 21.93 -20.72
CA SER A 283 -9.83 21.37 -21.94
C SER A 283 -10.27 22.09 -23.18
N ALA A 284 -11.57 22.30 -23.30
CA ALA A 284 -12.16 23.03 -24.43
C ALA A 284 -11.64 24.47 -24.48
N CYS A 285 -11.54 25.09 -23.30
CA CYS A 285 -10.92 26.43 -23.15
C CYS A 285 -9.41 26.49 -23.53
N ARG A 286 -8.73 25.38 -23.40
CA ARG A 286 -7.33 25.34 -23.77
C ARG A 286 -7.28 25.51 -25.27
N THR A 287 -7.91 24.58 -25.97
CA THR A 287 -7.95 24.64 -27.42
C THR A 287 -8.61 25.80 -28.11
N SER A 288 -9.93 25.77 -28.14
CA SER A 288 -10.71 27.02 -28.51
C SER A 288 -10.14 27.99 -29.48
N GLY A 289 -9.86 27.63 -30.66
CA GLY A 289 -9.01 28.30 -31.62
C GLY A 289 -8.52 27.12 -32.58
N GLN A 290 -7.50 27.36 -33.39
CA GLN A 290 -7.02 26.33 -34.29
C GLN A 290 -8.17 25.66 -35.07
N SER A 297 -0.62 23.55 -27.01
CA SER A 297 -0.42 22.30 -26.30
C SER A 297 0.94 21.80 -26.71
N SER A 298 1.76 21.48 -25.72
CA SER A 298 3.14 21.05 -25.93
C SER A 298 3.90 22.21 -26.48
N ARG A 299 3.52 23.34 -25.94
CA ARG A 299 3.86 24.67 -26.40
C ARG A 299 3.85 25.21 -24.99
N SER A 300 3.03 24.54 -24.20
CA SER A 300 2.66 24.90 -22.82
C SER A 300 2.44 23.73 -21.85
N HIS A 301 2.59 24.05 -20.57
CA HIS A 301 2.30 23.16 -19.45
C HIS A 301 0.87 23.30 -18.98
N ALA A 302 0.17 22.21 -18.78
CA ALA A 302 -1.14 22.24 -18.10
C ALA A 302 -1.03 21.56 -16.76
N CYS A 303 -1.66 22.16 -15.78
CA CYS A 303 -1.64 21.66 -14.45
C CYS A 303 -3.07 21.68 -13.94
N PHE A 304 -3.52 20.53 -13.45
CA PHE A 304 -4.85 20.36 -12.81
C PHE A 304 -4.64 19.95 -11.38
N GLN A 305 -5.08 20.78 -10.43
CA GLN A 305 -4.93 20.46 -9.00
C GLN A 305 -6.24 20.00 -8.35
N ILE A 306 -6.07 19.18 -7.33
CA ILE A 306 -7.12 18.70 -6.45
C ILE A 306 -6.70 19.14 -5.07
N LEU A 307 -7.55 19.92 -4.41
CA LEU A 307 -7.28 20.46 -3.09
C LEU A 307 -8.30 19.90 -2.12
N LEU A 308 -7.82 19.46 -0.97
CA LEU A 308 -8.65 19.16 0.20
C LEU A 308 -8.50 20.31 1.20
N ARG A 309 -9.62 20.98 1.49
CA ARG A 309 -9.66 22.02 2.55
C ARG A 309 -10.63 21.62 3.63
N THR A 310 -10.38 22.09 4.84
CA THR A 310 -11.28 21.76 5.94
C THR A 310 -12.08 22.97 6.44
N LYS A 311 -11.43 23.91 7.07
CA LYS A 311 -12.12 25.12 7.50
C LYS A 311 -11.50 26.22 6.68
N GLY A 312 -11.56 26.05 5.37
CA GLY A 312 -10.92 27.00 4.43
C GLY A 312 -9.42 26.74 4.51
N ARG A 313 -8.99 26.04 5.56
CA ARG A 313 -7.59 25.64 5.80
C ARG A 313 -7.27 24.44 4.89
N LEU A 314 -6.13 24.51 4.18
CA LEU A 314 -5.74 23.49 3.22
C LEU A 314 -5.18 22.26 3.94
N HIS A 315 -5.79 21.12 3.71
CA HIS A 315 -5.35 19.86 4.31
C HIS A 315 -4.18 19.28 3.52
N GLY A 316 -4.46 18.97 2.26
CA GLY A 316 -3.50 18.42 1.31
C GLY A 316 -3.81 18.82 -0.13
N LYS A 317 -2.86 18.56 -1.02
CA LYS A 317 -2.99 19.02 -2.39
C LYS A 317 -2.29 18.09 -3.38
N PHE A 318 -3.02 17.62 -4.39
CA PHE A 318 -2.45 16.81 -5.50
C PHE A 318 -2.43 17.62 -6.82
N SER A 319 -1.24 17.97 -7.30
CA SER A 319 -1.09 18.74 -8.56
C SER A 319 -0.68 17.75 -9.64
N LEU A 320 -1.49 17.63 -10.69
CA LEU A 320 -1.26 16.68 -11.79
C LEU A 320 -0.97 17.44 -13.08
N VAL A 321 0.23 17.23 -13.63
CA VAL A 321 0.78 18.10 -14.68
C VAL A 321 1.07 17.41 -16.04
N ASP A 322 0.44 17.92 -17.09
CA ASP A 322 0.67 17.52 -18.49
C ASP A 322 1.75 18.47 -19.00
N LEU A 323 3.02 18.08 -18.87
CA LEU A 323 4.15 18.95 -19.28
C LEU A 323 4.20 19.27 -20.80
N ALA A 324 5.12 20.17 -21.14
CA ALA A 324 5.29 20.63 -22.50
C ALA A 324 6.28 19.68 -23.19
N GLY A 325 6.26 19.68 -24.50
CA GLY A 325 7.17 18.86 -25.31
C GLY A 325 8.66 19.09 -24.99
N ASN A 326 9.34 18.01 -24.61
CA ASN A 326 10.73 18.11 -24.17
C ASN A 326 11.72 18.40 -25.32
N GLU A 327 11.29 18.22 -26.57
CA GLU A 327 12.14 18.41 -27.75
C GLU A 327 12.42 19.88 -28.13
N ARG A 328 13.58 20.37 -27.72
CA ARG A 328 14.09 21.74 -27.94
C ARG A 328 15.62 21.79 -28.07
N GLY A 329 16.06 21.77 -29.33
CA GLY A 329 17.39 22.18 -29.77
C GLY A 329 17.39 22.76 -31.19
N ALA A 330 16.32 23.51 -31.53
CA ALA A 330 16.08 24.04 -32.91
C ALA A 330 16.83 25.36 -33.20
N ASP A 331 16.34 26.50 -32.66
CA ASP A 331 16.98 27.88 -32.66
C ASP A 331 16.49 28.78 -33.81
N ARG A 340 9.73 32.57 -31.37
CA ARG A 340 9.65 31.10 -31.25
C ARG A 340 10.87 30.41 -30.59
N MET A 341 11.57 31.13 -29.72
CA MET A 341 12.48 30.54 -28.75
C MET A 341 11.79 30.58 -27.37
N GLU A 342 10.49 30.30 -27.39
CA GLU A 342 9.75 29.76 -26.25
C GLU A 342 10.41 28.45 -25.76
N GLY A 343 10.99 27.71 -26.69
CA GLY A 343 11.82 26.54 -26.39
C GLY A 343 12.92 26.71 -25.36
N ALA A 344 13.37 27.93 -25.18
CA ALA A 344 14.29 28.25 -24.07
C ALA A 344 13.56 28.18 -22.73
N GLU A 345 12.41 28.85 -22.64
CA GLU A 345 11.52 28.80 -21.45
C GLU A 345 11.20 27.34 -21.09
N ILE A 346 10.79 26.56 -22.08
CA ILE A 346 10.47 25.16 -21.87
C ILE A 346 11.65 24.42 -21.29
N ASN A 347 12.83 24.66 -21.84
CA ASN A 347 14.04 23.98 -21.36
C ASN A 347 14.36 24.32 -19.91
N LYS A 348 14.38 25.60 -19.58
CA LYS A 348 14.70 26.02 -18.22
C LYS A 348 13.70 25.47 -17.20
N SER A 349 12.42 25.39 -17.61
CA SER A 349 11.34 24.75 -16.81
C SER A 349 11.72 23.34 -16.40
N LEU A 350 11.99 22.53 -17.42
CA LEU A 350 12.24 21.11 -17.27
C LEU A 350 13.57 20.83 -16.53
N LEU A 351 14.59 21.65 -16.79
CA LEU A 351 15.82 21.57 -15.98
C LEU A 351 15.52 21.93 -14.52
N ALA A 352 14.71 22.97 -14.33
CA ALA A 352 14.35 23.38 -12.99
C ALA A 352 13.54 22.30 -12.29
N LEU A 353 12.58 21.75 -13.00
CA LEU A 353 11.74 20.68 -12.46
C LEU A 353 12.60 19.54 -11.94
N LYS A 354 13.57 19.13 -12.77
CA LYS A 354 14.57 18.11 -12.40
C LYS A 354 15.28 18.44 -11.10
N GLU A 355 15.70 19.68 -10.94
CA GLU A 355 16.37 20.08 -9.72
C GLU A 355 15.43 20.11 -8.52
N CYS A 356 14.21 20.59 -8.71
CA CYS A 356 13.20 20.56 -7.62
C CYS A 356 12.86 19.13 -7.18
N ILE A 357 12.71 18.24 -8.14
CA ILE A 357 12.42 16.85 -7.82
C ILE A 357 13.56 16.27 -7.02
N ARG A 358 14.78 16.57 -7.43
CA ARG A 358 15.92 16.07 -6.69
C ARG A 358 16.04 16.76 -5.33
N ALA A 359 15.92 18.07 -5.30
CA ALA A 359 15.77 18.78 -4.00
C ALA A 359 14.81 18.08 -3.00
N LEU A 360 13.74 17.52 -3.52
CA LEU A 360 12.75 16.83 -2.69
C LEU A 360 13.42 15.79 -1.80
N GLY A 361 13.90 14.71 -2.43
CA GLY A 361 14.55 13.64 -1.70
C GLY A 361 15.77 14.12 -0.93
N GLN A 362 16.30 15.28 -1.33
CA GLN A 362 17.47 15.86 -0.69
C GLN A 362 17.11 17.15 0.05
N ASN A 363 16.22 17.03 1.03
CA ASN A 363 15.79 18.19 1.80
C ASN A 363 17.30 18.29 1.73
N LYS A 364 17.24 19.65 1.24
CA LYS A 364 18.11 20.63 0.58
C LYS A 364 17.62 22.06 0.44
N HIS A 366 18.63 25.17 -2.38
CA HIS A 366 17.54 25.91 -1.76
C HIS A 366 16.25 25.83 -2.57
N THR A 367 16.38 25.97 -3.88
CA THR A 367 15.22 25.92 -4.76
C THR A 367 15.67 25.60 -6.16
N PRO A 368 14.73 25.45 -7.08
CA PRO A 368 15.17 25.17 -8.46
C PRO A 368 16.18 26.21 -8.71
N PHE A 369 17.30 25.94 -9.35
CA PHE A 369 18.07 27.17 -9.35
C PHE A 369 18.14 28.43 -10.17
N ARG A 370 17.99 28.28 -11.47
CA ARG A 370 17.38 29.16 -12.47
C ARG A 370 15.86 28.85 -12.50
N GLU A 371 15.09 29.61 -11.69
CA GLU A 371 13.65 29.39 -11.50
C GLU A 371 12.90 29.44 -12.84
N SER A 372 11.67 28.97 -12.78
CA SER A 372 10.71 29.06 -13.85
C SER A 372 9.38 29.20 -13.14
N LYS A 373 8.34 29.58 -13.85
CA LYS A 373 7.06 29.71 -13.21
C LYS A 373 6.62 28.36 -12.74
N LEU A 374 6.63 27.42 -13.66
CA LEU A 374 6.18 26.06 -13.37
C LEU A 374 6.66 25.70 -11.98
N THR A 375 7.93 25.93 -11.71
CA THR A 375 8.52 25.53 -10.43
C THR A 375 8.26 26.53 -9.30
N GLN A 376 7.92 27.76 -9.66
CA GLN A 376 7.39 28.74 -8.68
C GLN A 376 6.04 28.26 -8.17
N VAL A 377 5.11 28.18 -9.10
CA VAL A 377 3.73 27.79 -8.81
C VAL A 377 3.69 26.47 -8.01
N LEU A 378 4.51 25.50 -8.40
CA LEU A 378 4.53 24.19 -7.73
C LEU A 378 5.50 24.09 -6.55
N ARG A 379 6.16 25.20 -6.19
CA ARG A 379 7.22 25.22 -5.15
C ARG A 379 6.80 24.54 -3.84
N ASP A 380 5.62 24.86 -3.34
CA ASP A 380 5.13 24.27 -2.08
C ASP A 380 5.08 22.73 -2.05
N SER A 381 4.84 22.14 -3.23
CA SER A 381 4.73 20.67 -3.39
C SER A 381 6.07 19.90 -3.46
N PHE A 382 7.20 20.61 -3.29
CA PHE A 382 8.54 19.99 -3.14
C PHE A 382 9.25 20.29 -1.82
N ILE A 383 9.20 21.54 -1.38
CA ILE A 383 9.80 22.02 -0.11
C ILE A 383 9.32 21.25 1.13
N GLY A 384 8.06 20.82 1.09
CA GLY A 384 7.45 20.06 2.20
C GLY A 384 8.24 18.82 2.63
N GLU A 385 8.15 18.50 3.92
CA GLU A 385 8.62 17.24 4.53
C GLU A 385 7.77 16.01 4.13
N ASN A 386 6.46 16.22 4.00
CA ASN A 386 5.50 15.16 3.63
C ASN A 386 4.98 15.36 2.20
N SER A 387 5.89 15.16 1.26
CA SER A 387 5.68 15.39 -0.17
C SER A 387 6.17 14.20 -1.02
N ARG A 388 5.30 13.65 -1.85
CA ARG A 388 5.66 12.61 -2.82
C ARG A 388 5.52 13.12 -4.26
N THR A 389 6.16 12.42 -5.19
CA THR A 389 6.08 12.72 -6.62
C THR A 389 6.24 11.49 -7.46
N CYS A 390 5.75 11.59 -8.69
CA CYS A 390 5.78 10.51 -9.67
C CYS A 390 5.94 11.09 -11.06
N MET A 391 6.91 10.59 -11.80
CA MET A 391 7.21 11.07 -13.17
C MET A 391 6.85 9.96 -14.15
N ILE A 392 6.19 10.29 -15.25
CA ILE A 392 5.88 9.28 -16.29
C ILE A 392 6.44 9.69 -17.64
N ALA A 393 7.60 9.15 -17.97
CA ALA A 393 8.24 9.39 -19.25
C ALA A 393 7.42 8.76 -20.39
N MET A 394 7.08 9.54 -21.39
CA MET A 394 6.31 9.05 -22.54
C MET A 394 7.20 8.85 -23.75
N ILE A 395 6.96 7.74 -24.43
CA ILE A 395 7.82 7.24 -25.52
C ILE A 395 7.07 7.01 -26.82
N SER A 396 7.46 7.73 -27.87
CA SER A 396 6.99 7.44 -29.21
C SER A 396 7.86 6.31 -29.80
N PRO A 397 7.21 5.18 -30.17
CA PRO A 397 8.00 4.00 -30.51
C PRO A 397 8.65 4.00 -31.88
N GLY A 398 8.27 4.95 -32.73
CA GLY A 398 8.82 5.02 -34.07
C GLY A 398 10.33 5.20 -34.16
N ILE A 399 10.87 4.69 -35.27
CA ILE A 399 12.30 4.78 -35.62
C ILE A 399 12.73 6.22 -35.75
N SER A 400 11.86 7.05 -36.30
CA SER A 400 12.17 8.46 -36.57
C SER A 400 12.16 9.29 -35.33
N SER A 401 11.55 8.74 -34.29
CA SER A 401 11.61 9.36 -32.98
C SER A 401 12.77 8.92 -32.09
N CYS A 402 13.60 8.01 -32.57
CA CYS A 402 14.60 7.36 -31.73
C CYS A 402 15.51 8.34 -30.95
N GLU A 403 15.95 9.42 -31.59
CA GLU A 403 16.86 10.37 -30.92
C GLU A 403 16.12 11.15 -29.82
N TYR A 404 14.85 11.46 -30.08
CA TYR A 404 13.98 12.04 -29.05
C TYR A 404 13.73 11.09 -27.89
N THR A 405 13.42 9.84 -28.22
CA THR A 405 13.19 8.77 -27.22
C THR A 405 14.36 8.63 -26.26
N LEU A 406 15.55 8.59 -26.83
CA LEU A 406 16.78 8.49 -26.04
C LEU A 406 17.00 9.73 -25.16
N ASN A 407 16.60 10.88 -25.66
CA ASN A 407 16.63 12.13 -24.89
C ASN A 407 15.63 12.06 -23.73
N THR A 408 14.39 11.61 -23.98
CA THR A 408 13.36 11.46 -22.91
C THR A 408 13.88 10.55 -21.81
N LEU A 409 14.39 9.40 -22.25
CA LEU A 409 14.91 8.36 -21.33
C LEU A 409 16.05 8.83 -20.44
N ARG A 410 16.90 9.71 -20.95
CA ARG A 410 18.07 10.17 -20.19
C ARG A 410 17.72 11.21 -19.18
N TYR A 411 16.68 11.97 -19.48
CA TYR A 411 16.12 12.92 -18.50
C TYR A 411 15.65 12.11 -17.32
N ALA A 412 14.84 11.10 -17.66
CA ALA A 412 14.23 10.21 -16.71
C ALA A 412 15.25 9.49 -15.86
N ASP A 413 16.33 9.03 -16.50
CA ASP A 413 17.43 8.37 -15.77
C ASP A 413 17.91 9.22 -14.63
N ARG A 414 18.33 10.44 -14.93
CA ARG A 414 18.83 11.36 -13.90
C ARG A 414 17.87 11.71 -12.79
N VAL A 415 16.59 11.67 -13.06
CA VAL A 415 15.52 12.02 -12.10
C VAL A 415 15.51 10.91 -11.08
N LYS A 416 15.35 9.67 -11.57
CA LYS A 416 15.34 8.46 -10.73
C LYS A 416 16.64 8.31 -9.97
N GLU A 417 17.73 8.78 -10.56
CA GLU A 417 19.08 8.76 -9.97
C GLU A 417 19.10 9.21 -8.51
N LEU A 418 18.20 10.11 -8.13
CA LEU A 418 18.03 10.41 -6.70
C LEU A 418 17.00 9.44 -6.06
N SER A 419 17.41 8.87 -4.92
CA SER A 419 17.07 7.53 -4.39
C SER A 419 17.96 6.44 -5.01
N PRO B 58 -31.98 -22.14 -9.69
CA PRO B 58 -30.51 -22.20 -9.63
C PRO B 58 -29.90 -22.86 -8.35
N ASN B 59 -28.58 -22.91 -8.36
CA ASN B 59 -27.78 -23.31 -7.20
C ASN B 59 -26.87 -22.16 -6.75
N TRP B 60 -27.41 -20.93 -6.71
CA TRP B 60 -26.62 -19.73 -6.37
C TRP B 60 -25.65 -19.94 -5.20
N GLU B 61 -26.12 -20.49 -4.08
CA GLU B 61 -25.28 -20.63 -2.89
C GLU B 61 -23.98 -21.40 -3.19
N PHE B 62 -24.15 -22.54 -3.85
CA PHE B 62 -23.01 -23.29 -4.35
C PHE B 62 -22.17 -22.46 -5.33
N ALA B 63 -22.85 -21.81 -6.26
CA ALA B 63 -22.16 -20.94 -7.24
C ALA B 63 -21.36 -19.85 -6.57
N ARG B 64 -21.93 -19.28 -5.54
CA ARG B 64 -21.29 -18.18 -4.82
C ARG B 64 -20.06 -18.66 -4.07
N MET B 65 -20.20 -19.77 -3.34
CA MET B 65 -19.06 -20.37 -2.62
C MET B 65 -17.89 -20.63 -3.56
N ILE B 66 -18.24 -21.06 -4.77
CA ILE B 66 -17.28 -21.32 -5.80
C ILE B 66 -16.63 -20.00 -6.25
N LYS B 67 -17.45 -18.98 -6.55
CA LYS B 67 -16.95 -17.64 -6.92
C LYS B 67 -15.93 -17.18 -5.89
N GLU B 68 -16.32 -17.26 -4.63
CA GLU B 68 -15.47 -16.83 -3.53
C GLU B 68 -14.15 -17.62 -3.55
N PHE B 69 -14.24 -18.92 -3.74
CA PHE B 69 -13.04 -19.74 -3.88
C PHE B 69 -12.18 -19.21 -5.02
N ARG B 70 -12.79 -19.08 -6.20
CA ARG B 70 -12.06 -18.74 -7.43
C ARG B 70 -11.41 -17.37 -7.31
N VAL B 71 -12.15 -16.44 -6.73
CA VAL B 71 -11.65 -15.07 -6.49
C VAL B 71 -10.44 -15.06 -5.54
N THR B 72 -10.50 -15.80 -4.45
CA THR B 72 -9.37 -15.82 -3.51
C THR B 72 -8.14 -16.51 -4.07
N MET B 73 -8.29 -17.37 -5.08
CA MET B 73 -7.13 -17.95 -5.78
C MET B 73 -6.46 -16.95 -6.72
N GLU B 74 -7.27 -16.38 -7.59
CA GLU B 74 -6.83 -15.37 -8.56
C GLU B 74 -6.74 -14.02 -7.89
N CYS B 75 -5.70 -13.87 -7.06
CA CYS B 75 -5.48 -12.67 -6.26
C CYS B 75 -4.01 -12.63 -5.84
N SER B 76 -3.43 -11.43 -5.85
CA SER B 76 -2.00 -11.22 -5.56
C SER B 76 -1.76 -10.72 -4.13
N PRO B 77 -0.50 -10.42 -3.77
CA PRO B 77 -0.24 -9.68 -2.53
C PRO B 77 -0.68 -8.21 -2.51
N LEU B 78 -1.00 -7.62 -3.66
CA LEU B 78 -1.44 -6.19 -3.72
C LEU B 78 -2.82 -5.94 -3.07
N THR B 79 -3.67 -6.95 -2.96
CA THR B 79 -5.05 -6.76 -2.45
C THR B 79 -5.14 -6.41 -0.96
N VAL B 80 -4.41 -7.11 -0.11
CA VAL B 80 -4.42 -6.86 1.33
C VAL B 80 -3.59 -5.60 1.65
N THR B 81 -2.44 -5.50 0.99
CA THR B 81 -1.50 -4.40 1.22
C THR B 81 -1.91 -3.08 0.54
N ASP B 82 -2.86 -3.15 -0.39
CA ASP B 82 -3.45 -1.95 -1.04
C ASP B 82 -4.25 -1.14 -0.03
N PRO B 83 -3.82 0.09 0.28
CA PRO B 83 -4.78 1.02 0.85
C PRO B 83 -5.60 1.57 -0.34
N ILE B 84 -6.47 2.56 -0.15
CA ILE B 84 -7.43 2.96 -1.24
C ILE B 84 -8.62 1.98 -1.39
N GLU B 85 -8.66 0.93 -0.58
CA GLU B 85 -9.72 -0.10 -0.57
C GLU B 85 -9.63 -0.78 0.77
N GLU B 86 -10.73 -0.77 1.50
CA GLU B 86 -10.77 -1.38 2.82
C GLU B 86 -10.60 -2.89 2.66
N HIS B 87 -9.67 -3.48 3.42
CA HIS B 87 -9.59 -4.94 3.52
C HIS B 87 -9.66 -5.32 5.02
N ARG B 88 -10.90 -5.22 5.55
CA ARG B 88 -11.21 -5.41 6.97
C ARG B 88 -10.94 -6.79 7.59
N ILE B 89 -10.96 -7.85 6.78
CA ILE B 89 -10.70 -9.22 7.25
C ILE B 89 -9.70 -9.95 6.36
N CYS B 90 -8.56 -10.28 6.93
CA CYS B 90 -7.55 -11.10 6.27
C CYS B 90 -7.39 -12.44 6.99
N VAL B 91 -7.38 -13.53 6.24
CA VAL B 91 -7.22 -14.86 6.82
C VAL B 91 -6.11 -15.58 6.12
N CYS B 92 -5.19 -16.13 6.90
CA CYS B 92 -4.01 -16.79 6.34
C CYS B 92 -3.81 -18.11 7.00
N VAL B 93 -2.93 -18.88 6.40
CA VAL B 93 -2.59 -20.19 6.87
C VAL B 93 -1.08 -20.36 6.83
N ARG B 94 -0.53 -21.00 7.85
CA ARG B 94 0.89 -21.23 7.92
C ARG B 94 1.15 -22.66 8.36
N LYS B 95 1.78 -23.41 7.46
CA LYS B 95 2.26 -24.76 7.73
C LYS B 95 3.58 -24.67 8.39
N ARG B 96 3.74 -25.32 9.53
CA ARG B 96 5.07 -25.47 10.13
C ARG B 96 5.68 -26.79 9.65
N PRO B 97 7.01 -26.91 9.72
CA PRO B 97 7.68 -28.18 9.35
C PRO B 97 7.53 -29.25 10.41
N LEU B 98 7.56 -30.51 10.00
CA LEU B 98 7.65 -31.64 10.95
C LEU B 98 8.92 -31.47 11.76
N ASN B 99 8.84 -31.63 13.06
CA ASN B 99 10.04 -31.47 13.94
C ASN B 99 10.73 -32.83 14.21
N LYS B 100 11.82 -32.78 14.99
CA LYS B 100 12.68 -33.95 15.19
C LYS B 100 11.94 -35.13 15.84
N GLN B 101 11.12 -34.84 16.84
CA GLN B 101 10.34 -35.89 17.56
C GLN B 101 9.31 -36.55 16.64
N GLU B 102 8.73 -35.74 15.76
CA GLU B 102 7.72 -36.23 14.81
C GLU B 102 8.36 -37.10 13.73
N LEU B 103 9.49 -36.64 13.18
CA LEU B 103 10.32 -37.44 12.27
C LEU B 103 10.80 -38.74 12.94
N ALA B 104 11.22 -38.63 14.20
CA ALA B 104 11.60 -39.77 15.04
C ALA B 104 10.52 -40.86 15.20
N LYS B 105 9.25 -40.48 15.13
CA LYS B 105 8.14 -41.45 15.07
C LYS B 105 7.69 -41.77 13.63
N LYS B 106 8.55 -41.46 12.66
CA LYS B 106 8.26 -41.59 11.22
C LYS B 106 6.81 -41.16 10.88
N GLU B 107 6.50 -39.93 11.30
CA GLU B 107 5.25 -39.27 10.99
C GLU B 107 5.32 -38.78 9.54
N ILE B 108 4.30 -39.08 8.76
CA ILE B 108 4.18 -38.57 7.40
C ILE B 108 3.74 -37.10 7.41
N ASP B 109 4.41 -36.29 6.60
CA ASP B 109 3.95 -34.95 6.25
C ASP B 109 2.82 -35.06 5.21
N VAL B 110 1.62 -34.60 5.57
CA VAL B 110 0.40 -34.72 4.74
C VAL B 110 -0.15 -33.40 4.25
N ILE B 111 0.67 -32.37 4.26
CA ILE B 111 0.30 -31.01 3.82
C ILE B 111 1.20 -30.48 2.72
N SER B 112 0.62 -29.85 1.71
CA SER B 112 1.40 -29.18 0.69
C SER B 112 0.84 -27.81 0.46
N VAL B 113 1.74 -26.88 0.11
CA VAL B 113 1.35 -25.49 -0.16
C VAL B 113 1.88 -25.16 -1.55
N PRO B 114 1.15 -25.55 -2.59
CA PRO B 114 1.68 -25.44 -3.95
C PRO B 114 1.58 -24.05 -4.60
N SER B 115 0.96 -23.10 -3.95
CA SER B 115 0.86 -21.73 -4.45
C SER B 115 0.75 -20.77 -3.26
N LYS B 116 0.88 -19.48 -3.50
CA LYS B 116 0.82 -18.51 -2.39
C LYS B 116 -0.59 -18.45 -1.81
N CYS B 117 -1.59 -18.96 -2.54
CA CYS B 117 -3.00 -18.99 -2.08
C CYS B 117 -3.58 -20.35 -1.70
N LEU B 118 -2.98 -21.45 -2.16
CA LEU B 118 -3.55 -22.77 -1.98
C LEU B 118 -2.83 -23.58 -0.94
N LEU B 119 -3.61 -24.25 -0.11
CA LEU B 119 -3.10 -25.27 0.78
C LEU B 119 -3.82 -26.54 0.44
N LEU B 120 -3.07 -27.64 0.32
CA LEU B 120 -3.62 -28.98 0.12
C LEU B 120 -3.42 -29.86 1.37
N VAL B 121 -4.49 -30.57 1.76
CA VAL B 121 -4.41 -31.65 2.77
C VAL B 121 -4.56 -32.97 2.05
N HIS B 122 -3.55 -33.83 2.20
CA HIS B 122 -3.52 -35.16 1.60
C HIS B 122 -4.06 -36.14 2.63
N GLU B 123 -5.38 -36.15 2.74
CA GLU B 123 -6.07 -36.91 3.80
C GLU B 123 -5.96 -38.38 3.48
N PRO B 124 -5.28 -39.16 4.33
CA PRO B 124 -5.17 -40.59 4.10
C PRO B 124 -6.46 -41.29 4.49
N LYS B 125 -6.93 -42.17 3.62
CA LYS B 125 -8.22 -42.85 3.76
C LYS B 125 -8.18 -44.32 3.36
N LEU B 126 -9.08 -45.10 3.95
CA LEU B 126 -9.33 -46.47 3.53
C LEU B 126 -10.70 -46.63 2.91
N LYS B 127 -10.74 -47.27 1.75
CA LYS B 127 -11.99 -47.77 1.20
C LYS B 127 -12.57 -48.78 2.17
N VAL B 128 -13.85 -49.07 2.03
CA VAL B 128 -14.52 -50.05 2.92
C VAL B 128 -13.76 -51.38 3.02
N ASP B 129 -13.20 -51.78 1.87
CA ASP B 129 -12.46 -53.06 1.73
C ASP B 129 -10.99 -53.03 2.12
N LEU B 130 -10.54 -51.95 2.74
CA LEU B 130 -9.16 -51.75 3.26
C LEU B 130 -8.11 -51.17 2.29
N THR B 131 -8.51 -50.99 1.02
CA THR B 131 -7.73 -50.27 -0.03
C THR B 131 -7.38 -48.82 0.40
N LYS B 132 -6.10 -48.47 0.40
CA LYS B 132 -5.65 -47.12 0.78
C LYS B 132 -5.78 -46.15 -0.37
N TYR B 133 -6.12 -44.92 -0.02
CA TYR B 133 -6.20 -43.83 -0.99
C TYR B 133 -6.10 -42.42 -0.34
N LEU B 134 -5.89 -41.41 -1.16
CA LEU B 134 -5.86 -40.01 -0.66
C LEU B 134 -7.16 -39.31 -1.04
N GLU B 135 -7.70 -38.53 -0.13
CA GLU B 135 -8.66 -37.52 -0.51
C GLU B 135 -7.92 -36.19 -0.39
N ASN B 136 -7.55 -35.63 -1.54
CA ASN B 136 -6.69 -34.46 -1.62
C ASN B 136 -7.57 -33.24 -1.63
N GLN B 137 -7.61 -32.55 -0.50
CA GLN B 137 -8.56 -31.49 -0.28
C GLN B 137 -7.89 -30.15 -0.37
N ALA B 138 -8.51 -29.25 -1.11
CA ALA B 138 -7.97 -27.93 -1.36
C ALA B 138 -8.67 -26.85 -0.51
N PHE B 139 -7.83 -25.95 0.00
CA PHE B 139 -8.25 -24.77 0.74
C PHE B 139 -7.46 -23.58 0.23
N CYS B 140 -8.16 -22.50 -0.05
CA CYS B 140 -7.53 -21.25 -0.46
C CYS B 140 -7.68 -20.17 0.63
N PHE B 141 -6.67 -19.30 0.71
CA PHE B 141 -6.61 -18.22 1.68
C PHE B 141 -5.92 -17.03 1.06
N ASP B 142 -6.05 -15.91 1.73
CA ASP B 142 -5.40 -14.69 1.30
C ASP B 142 -3.91 -14.91 1.20
N PHE B 143 -3.33 -15.55 2.20
CA PHE B 143 -1.95 -16.06 2.07
C PHE B 143 -1.76 -17.41 2.74
N ALA B 144 -0.85 -18.16 2.15
CA ALA B 144 -0.57 -19.50 2.53
C ALA B 144 0.92 -19.62 2.60
N PHE B 145 1.43 -19.77 3.80
CA PHE B 145 2.86 -19.90 4.02
C PHE B 145 3.23 -21.35 4.25
N ASP B 146 4.30 -21.79 3.62
CA ASP B 146 4.73 -23.20 3.70
C ASP B 146 5.84 -23.34 4.75
N GLU B 147 6.40 -24.55 4.83
CA GLU B 147 7.29 -24.95 5.94
C GLU B 147 8.62 -24.23 5.93
N THR B 148 8.85 -23.44 4.89
CA THR B 148 10.07 -22.64 4.70
C THR B 148 9.91 -21.16 5.07
N ALA B 149 8.69 -20.68 5.10
CA ALA B 149 8.44 -19.28 5.37
C ALA B 149 8.92 -18.89 6.78
N SER B 150 9.76 -17.86 6.85
CA SER B 150 10.21 -17.30 8.14
C SER B 150 9.12 -16.48 8.82
N ASN B 151 9.35 -16.19 10.10
CA ASN B 151 8.43 -15.32 10.87
C ASN B 151 8.39 -13.94 10.25
N GLU B 152 9.52 -13.50 9.71
CA GLU B 152 9.58 -12.20 9.06
C GLU B 152 8.68 -12.16 7.82
N VAL B 153 8.69 -13.23 7.03
CA VAL B 153 7.82 -13.32 5.84
C VAL B 153 6.36 -13.35 6.24
N VAL B 154 6.03 -14.18 7.22
CA VAL B 154 4.67 -14.25 7.72
C VAL B 154 4.23 -12.87 8.21
N TYR B 155 5.08 -12.21 8.99
CA TYR B 155 4.79 -10.87 9.54
C TYR B 155 4.44 -9.86 8.43
N ARG B 156 5.21 -9.90 7.33
CA ARG B 156 5.11 -8.93 6.22
C ARG B 156 3.71 -8.85 5.56
N PHE B 157 2.98 -9.96 5.56
CA PHE B 157 1.63 -10.04 4.92
C PHE B 157 0.42 -10.24 5.85
N THR B 158 0.71 -10.47 7.13
CA THR B 158 -0.33 -10.65 8.12
C THR B 158 -0.57 -9.32 8.86
N ALA B 159 0.32 -9.03 9.81
CA ALA B 159 0.16 -7.91 10.75
C ALA B 159 0.73 -6.60 10.24
N ARG B 160 1.91 -6.65 9.62
CA ARG B 160 2.59 -5.43 9.13
C ARG B 160 1.68 -4.40 8.41
N PRO B 161 0.79 -4.84 7.49
CA PRO B 161 -0.19 -3.91 6.92
C PRO B 161 -1.10 -3.20 7.92
N LEU B 162 -1.54 -3.91 8.95
CA LEU B 162 -2.38 -3.33 10.02
C LEU B 162 -1.70 -2.28 10.93
N VAL B 163 -0.37 -2.26 10.97
CA VAL B 163 0.36 -1.28 11.78
C VAL B 163 -0.17 0.11 11.46
N GLN B 164 -0.10 0.48 10.19
CA GLN B 164 -0.62 1.78 9.74
C GLN B 164 -2.03 2.13 10.27
N THR B 165 -2.92 1.15 10.33
CA THR B 165 -4.30 1.39 10.82
C THR B 165 -4.38 2.11 12.20
N ILE B 166 -3.48 1.78 13.13
CA ILE B 166 -3.51 2.42 14.47
C ILE B 166 -3.08 3.88 14.37
N PHE B 167 -2.07 4.15 13.55
CA PHE B 167 -1.65 5.54 13.24
C PHE B 167 -2.74 6.41 12.58
N GLU B 168 -3.62 5.80 11.80
CA GLU B 168 -4.81 6.50 11.25
C GLU B 168 -6.00 6.51 12.23
N GLY B 169 -5.71 6.35 13.51
CA GLY B 169 -6.72 6.43 14.57
C GLY B 169 -7.58 5.18 14.69
N GLY B 170 -7.07 4.07 14.15
CA GLY B 170 -7.85 2.85 14.05
C GLY B 170 -7.51 1.82 15.08
N LYS B 171 -8.34 0.78 15.15
CA LYS B 171 -8.05 -0.38 15.96
C LYS B 171 -7.78 -1.58 15.07
N ALA B 172 -6.65 -2.23 15.35
CA ALA B 172 -6.28 -3.46 14.70
C ALA B 172 -6.24 -4.66 15.68
N THR B 173 -6.33 -5.84 15.11
CA THR B 173 -6.24 -7.12 15.83
C THR B 173 -5.60 -8.17 14.93
N CYS B 174 -4.73 -8.98 15.50
CA CYS B 174 -4.11 -10.08 14.77
C CYS B 174 -4.12 -11.33 15.67
N PHE B 175 -4.65 -12.44 15.15
CA PHE B 175 -4.86 -13.68 15.90
C PHE B 175 -4.10 -14.87 15.34
N ALA B 176 -3.36 -15.55 16.21
CA ALA B 176 -2.73 -16.80 15.89
C ALA B 176 -3.68 -17.85 16.46
N TYR B 177 -4.16 -18.70 15.59
CA TYR B 177 -5.25 -19.65 15.87
C TYR B 177 -4.79 -21.02 15.41
N GLY B 178 -5.16 -22.07 16.15
CA GLY B 178 -4.75 -23.41 15.73
C GLY B 178 -4.66 -24.39 16.86
N GLN B 179 -4.26 -25.62 16.54
CA GLN B 179 -4.08 -26.67 17.56
C GLN B 179 -2.84 -26.45 18.35
N THR B 180 -2.79 -27.11 19.49
CA THR B 180 -1.63 -27.04 20.35
C THR B 180 -0.44 -27.66 19.62
N GLY B 181 0.67 -26.93 19.68
CA GLY B 181 1.93 -27.29 19.03
C GLY B 181 2.13 -26.92 17.58
N SER B 182 1.22 -26.12 17.04
CA SER B 182 1.18 -25.80 15.59
C SER B 182 1.97 -24.56 15.18
N GLY B 183 2.38 -23.77 16.15
CA GLY B 183 3.21 -22.58 15.90
C GLY B 183 2.65 -21.22 16.29
N LYS B 184 1.59 -21.20 17.10
CA LYS B 184 0.95 -19.94 17.49
C LYS B 184 1.93 -19.08 18.25
N THR B 185 2.54 -19.68 19.25
CA THR B 185 3.46 -18.95 20.12
C THR B 185 4.80 -18.65 19.44
N HIS B 186 5.28 -19.59 18.65
CA HIS B 186 6.48 -19.35 17.82
C HIS B 186 6.30 -18.12 16.96
N THR B 187 5.11 -17.97 16.39
CA THR B 187 4.83 -16.89 15.47
C THR B 187 4.79 -15.58 16.22
N MET B 188 4.02 -15.53 17.30
CA MET B 188 3.73 -14.25 18.01
C MET B 188 4.80 -13.88 19.04
N GLY B 189 5.13 -14.86 19.86
CA GLY B 189 6.08 -14.72 20.97
C GLY B 189 7.53 -14.91 20.58
N GLY B 190 7.81 -15.87 19.70
CA GLY B 190 9.18 -16.14 19.18
C GLY B 190 9.88 -17.42 19.62
N ASP B 191 10.90 -17.79 18.85
CA ASP B 191 11.62 -19.10 18.91
C ASP B 191 11.89 -19.61 20.32
N GLN B 197 11.48 -18.36 23.58
CA GLN B 197 12.39 -17.65 24.50
C GLN B 197 13.03 -16.36 23.92
N ASN B 198 13.07 -16.25 22.59
CA ASN B 198 13.60 -15.07 21.91
C ASN B 198 12.47 -14.21 21.33
N ALA B 199 12.01 -13.23 22.13
CA ALA B 199 10.88 -12.33 21.78
C ALA B 199 11.00 -11.58 20.45
N SER B 200 12.25 -11.21 20.12
CA SER B 200 12.59 -10.37 18.94
C SER B 200 12.30 -11.01 17.57
N LYS B 201 12.24 -12.34 17.54
CA LYS B 201 11.88 -13.08 16.33
C LYS B 201 10.37 -13.23 16.12
N GLY B 202 9.57 -12.71 17.06
CA GLY B 202 8.10 -12.72 16.97
C GLY B 202 7.41 -11.53 16.32
N ILE B 203 6.11 -11.67 16.10
CA ILE B 203 5.28 -10.61 15.54
C ILE B 203 5.11 -9.47 16.53
N TYR B 204 5.00 -9.79 17.81
CA TYR B 204 4.86 -8.73 18.85
C TYR B 204 6.02 -7.77 18.64
N ALA B 205 7.22 -8.33 18.62
CA ALA B 205 8.45 -7.55 18.48
C ALA B 205 8.52 -6.77 17.17
N MET B 206 8.17 -7.46 16.10
CA MET B 206 8.24 -6.90 14.75
C MET B 206 7.24 -5.78 14.55
N ALA B 207 6.02 -6.00 15.00
CA ALA B 207 4.98 -4.97 14.96
C ALA B 207 5.51 -3.73 15.61
N SER B 208 6.12 -3.94 16.76
CA SER B 208 6.65 -2.85 17.62
C SER B 208 7.77 -2.08 16.94
N ARG B 209 8.76 -2.83 16.46
CA ARG B 209 9.84 -2.27 15.63
C ARG B 209 9.27 -1.28 14.62
N ASP B 210 8.28 -1.72 13.86
CA ASP B 210 7.69 -0.93 12.77
C ASP B 210 6.80 0.20 13.29
N VAL B 211 6.15 0.01 14.44
CA VAL B 211 5.38 1.09 15.11
C VAL B 211 6.30 2.28 15.41
N PHE B 212 7.51 2.00 15.86
CA PHE B 212 8.51 3.06 16.12
C PHE B 212 8.96 3.78 14.85
N LEU B 213 9.17 3.04 13.77
CA LEU B 213 9.54 3.68 12.49
C LEU B 213 8.42 4.62 11.98
N LEU B 214 7.18 4.17 12.01
CA LEU B 214 6.05 5.04 11.64
C LEU B 214 5.90 6.31 12.47
N LYS B 215 6.30 6.23 13.72
CA LYS B 215 6.24 7.36 14.67
C LYS B 215 7.20 8.49 14.25
N ASN B 216 8.42 8.11 13.88
CA ASN B 216 9.46 9.09 13.45
C ASN B 216 9.29 9.65 12.01
N GLN B 217 8.28 9.20 11.28
CA GLN B 217 8.10 9.63 9.90
C GLN B 217 7.38 10.98 9.87
N PRO B 218 7.74 11.86 8.92
CA PRO B 218 7.08 13.13 8.65
C PRO B 218 5.58 13.15 8.84
N ARG B 219 4.84 12.27 8.20
CA ARG B 219 3.40 12.36 8.33
C ARG B 219 2.81 12.12 9.70
N TYR B 220 3.59 11.55 10.59
CA TYR B 220 3.08 11.25 11.93
C TYR B 220 3.76 12.01 13.11
N ARG B 221 4.89 12.70 12.86
CA ARG B 221 5.62 13.51 13.89
C ARG B 221 4.77 14.59 14.59
N ASN B 222 3.93 15.23 13.79
CA ASN B 222 3.00 16.25 14.27
C ASN B 222 2.00 15.76 15.35
N LEU B 223 1.67 14.48 15.36
CA LEU B 223 0.66 13.94 16.29
C LEU B 223 1.06 13.91 17.78
N ASN B 224 2.36 13.98 18.07
CA ASN B 224 2.89 13.88 19.45
C ASN B 224 2.32 12.68 20.17
N LEU B 225 2.83 11.53 19.78
CA LEU B 225 2.28 10.26 20.24
C LEU B 225 3.25 9.65 21.22
N GLU B 226 2.69 9.05 22.26
CA GLU B 226 3.45 8.20 23.18
C GLU B 226 3.01 6.75 23.01
N VAL B 227 3.97 5.84 23.02
CA VAL B 227 3.71 4.43 22.82
C VAL B 227 3.65 3.71 24.17
N TYR B 228 2.52 3.05 24.43
CA TYR B 228 2.38 2.15 25.58
C TYR B 228 2.16 0.71 25.14
N VAL B 229 2.29 -0.20 26.09
CA VAL B 229 2.21 -1.62 25.87
C VAL B 229 1.46 -2.30 27.02
N THR B 230 0.63 -3.29 26.73
CA THR B 230 0.04 -4.16 27.78
C THR B 230 0.32 -5.60 27.46
N PHE B 231 0.17 -6.48 28.43
CA PHE B 231 0.43 -7.92 28.21
C PHE B 231 -0.29 -8.77 29.25
N PHE B 232 -1.25 -9.55 28.80
CA PHE B 232 -2.10 -10.31 29.72
C PHE B 232 -2.56 -11.62 29.16
N GLU B 233 -3.02 -12.46 30.07
CA GLU B 233 -3.42 -13.83 29.80
C GLU B 233 -4.89 -13.92 30.22
N ILE B 234 -5.71 -14.53 29.38
CA ILE B 234 -7.12 -14.85 29.71
C ILE B 234 -7.26 -16.36 29.92
N TYR B 235 -7.63 -16.74 31.14
CA TYR B 235 -7.67 -18.14 31.59
C TYR B 235 -8.91 -18.38 32.45
N ASN B 236 -9.68 -19.40 32.11
CA ASN B 236 -10.95 -19.70 32.78
C ASN B 236 -11.76 -18.43 33.04
N GLY B 237 -11.99 -17.64 31.99
CA GLY B 237 -12.75 -16.37 32.15
C GLY B 237 -12.31 -15.33 33.20
N LYS B 238 -11.02 -15.32 33.52
CA LYS B 238 -10.45 -14.27 34.35
C LYS B 238 -9.25 -13.72 33.60
N VAL B 239 -8.98 -12.43 33.76
CA VAL B 239 -7.82 -11.76 33.17
C VAL B 239 -6.69 -11.65 34.18
N PHE B 240 -5.46 -11.90 33.76
CA PHE B 240 -4.27 -11.85 34.64
C PHE B 240 -3.16 -11.01 34.01
N ASP B 241 -2.76 -9.93 34.67
CA ASP B 241 -1.73 -9.02 34.13
C ASP B 241 -0.33 -9.66 34.18
N LEU B 242 0.26 -9.92 33.01
CA LEU B 242 1.57 -10.58 32.91
C LEU B 242 2.72 -9.62 33.14
N LEU B 243 2.44 -8.32 33.05
CA LEU B 243 3.45 -7.27 33.36
C LEU B 243 3.37 -6.81 34.84
N ASN B 244 2.67 -7.59 35.65
CA ASN B 244 2.40 -7.28 37.04
C ASN B 244 2.11 -8.56 37.82
N LYS B 245 3.01 -9.52 37.66
CA LYS B 245 2.99 -10.80 38.40
C LYS B 245 1.61 -11.46 38.43
N LYS B 246 1.02 -11.68 37.27
CA LYS B 246 -0.25 -12.44 37.16
C LYS B 246 -1.40 -11.92 38.04
N ALA B 247 -1.42 -10.61 38.27
CA ALA B 247 -2.46 -9.98 39.07
C ALA B 247 -3.83 -10.20 38.45
N LYS B 248 -4.70 -10.95 39.14
CA LYS B 248 -6.11 -11.11 38.70
C LYS B 248 -6.85 -9.78 38.64
N LEU B 249 -7.37 -9.47 37.47
CA LEU B 249 -8.01 -8.19 37.20
C LEU B 249 -9.49 -8.38 37.01
N ARG B 250 -10.20 -7.27 37.08
CA ARG B 250 -11.64 -7.28 37.04
C ARG B 250 -12.04 -6.57 35.81
N VAL B 251 -12.86 -7.25 35.03
CA VAL B 251 -13.38 -6.70 33.79
C VAL B 251 -14.76 -6.12 34.09
N LEU B 252 -15.03 -4.93 33.54
CA LEU B 252 -16.28 -4.20 33.81
C LEU B 252 -16.89 -3.64 32.57
N GLU B 253 -18.23 -3.70 32.52
CA GLU B 253 -19.01 -2.99 31.52
C GLU B 253 -19.47 -1.61 32.07
N ASP B 254 -18.90 -0.54 31.53
CA ASP B 254 -19.30 0.88 31.80
C ASP B 254 -20.71 1.23 31.35
N SER B 255 -21.11 2.42 31.78
CA SER B 255 -22.43 3.02 31.51
C SER B 255 -22.86 3.07 30.03
N ARG B 256 -21.90 3.15 29.10
CA ARG B 256 -22.18 3.09 27.65
C ARG B 256 -22.12 1.67 27.00
N GLN B 257 -22.14 0.62 27.83
CA GLN B 257 -21.80 -0.75 27.40
C GLN B 257 -20.35 -0.87 26.83
N GLN B 258 -19.40 -0.11 27.38
CA GLN B 258 -17.98 -0.19 26.96
C GLN B 258 -17.13 -0.83 28.04
N VAL B 259 -16.13 -1.59 27.61
CA VAL B 259 -15.41 -2.48 28.51
C VAL B 259 -14.10 -1.87 29.00
N GLN B 260 -13.86 -2.01 30.29
CA GLN B 260 -12.65 -1.51 30.93
C GLN B 260 -12.05 -2.65 31.74
N VAL B 261 -10.75 -2.88 31.56
CA VAL B 261 -10.00 -3.83 32.39
C VAL B 261 -9.37 -3.03 33.52
N VAL B 262 -9.83 -3.29 34.75
CA VAL B 262 -9.46 -2.46 35.90
C VAL B 262 -8.18 -2.99 36.48
N GLY B 263 -7.16 -2.15 36.43
CA GLY B 263 -5.85 -2.48 37.02
C GLY B 263 -4.81 -2.93 36.02
N LEU B 264 -5.19 -2.89 34.75
CA LEU B 264 -4.31 -3.35 33.69
C LEU B 264 -3.21 -2.35 33.54
N GLN B 265 -1.99 -2.79 33.82
CA GLN B 265 -0.82 -1.94 33.71
C GLN B 265 -0.41 -1.71 32.26
N GLU B 266 -0.52 -0.46 31.82
CA GLU B 266 0.17 0.01 30.63
C GLU B 266 1.56 0.48 31.01
N TYR B 267 2.55 0.17 30.20
CA TYR B 267 3.92 0.67 30.41
C TYR B 267 4.43 1.45 29.20
N LEU B 268 4.85 2.69 29.43
CA LEU B 268 5.47 3.51 28.40
C LEU B 268 6.73 2.83 27.86
N VAL B 269 6.90 2.93 26.55
CA VAL B 269 8.05 2.37 25.84
C VAL B 269 8.47 3.36 24.77
N THR B 270 9.76 3.44 24.55
CA THR B 270 10.38 4.50 23.74
C THR B 270 11.17 3.92 22.58
N CYS B 271 11.18 2.61 22.47
CA CYS B 271 12.27 1.91 21.87
C CYS B 271 11.87 0.45 21.64
N ALA B 272 12.26 -0.13 20.51
CA ALA B 272 11.93 -1.54 20.22
C ALA B 272 12.37 -2.42 21.39
N ASP B 273 13.62 -2.26 21.81
CA ASP B 273 14.24 -3.09 22.87
C ASP B 273 13.54 -3.02 24.22
N ASP B 274 13.06 -1.83 24.57
CA ASP B 274 12.14 -1.66 25.72
C ASP B 274 11.04 -2.75 25.61
N VAL B 275 10.30 -2.69 24.50
CA VAL B 275 9.19 -3.61 24.25
C VAL B 275 9.67 -5.05 24.35
N ILE B 276 10.81 -5.33 23.75
CA ILE B 276 11.37 -6.69 23.78
C ILE B 276 11.53 -7.12 25.27
N LYS B 277 12.04 -6.21 26.10
CA LYS B 277 12.25 -6.50 27.54
C LYS B 277 10.94 -6.86 28.21
N MET B 278 9.96 -5.99 28.03
CA MET B 278 8.59 -6.23 28.52
C MET B 278 7.96 -7.58 28.09
N ILE B 279 8.14 -7.94 26.82
CA ILE B 279 7.62 -9.21 26.29
C ILE B 279 8.31 -10.37 26.99
N ASN B 280 9.63 -10.31 27.06
CA ASN B 280 10.41 -11.35 27.74
C ASN B 280 10.02 -11.54 29.22
N MET B 281 9.73 -10.43 29.90
CA MET B 281 9.27 -10.51 31.30
C MET B 281 7.90 -11.21 31.38
N GLY B 282 6.93 -10.64 30.68
CA GLY B 282 5.57 -11.21 30.64
C GLY B 282 5.55 -12.68 30.27
N SER B 283 6.41 -13.06 29.34
CA SER B 283 6.53 -14.46 28.92
C SER B 283 7.00 -15.38 30.04
N ALA B 284 8.03 -14.94 30.72
CA ALA B 284 8.58 -15.67 31.88
C ALA B 284 7.54 -15.78 32.99
N CYS B 285 6.80 -14.68 33.22
CA CYS B 285 5.65 -14.66 34.17
C CYS B 285 4.48 -15.61 33.81
N ARG B 286 4.31 -15.90 32.52
CA ARG B 286 3.26 -16.82 32.04
C ARG B 286 3.42 -18.32 32.40
N SER B 297 1.53 -23.29 28.60
CA SER B 297 0.31 -22.51 28.37
C SER B 297 -0.57 -23.17 27.31
N SER B 298 -1.34 -22.37 26.60
CA SER B 298 -2.23 -22.88 25.57
C SER B 298 -3.39 -23.49 26.35
N ARG B 299 -3.47 -23.19 27.64
CA ARG B 299 -4.53 -23.59 28.49
C ARG B 299 -5.46 -22.32 28.53
N SER B 300 -4.75 -21.29 28.09
CA SER B 300 -5.20 -19.88 27.94
C SER B 300 -4.84 -19.04 26.71
N HIS B 301 -5.54 -17.91 26.60
CA HIS B 301 -5.25 -16.87 25.62
C HIS B 301 -4.26 -15.86 26.13
N ALA B 302 -3.26 -15.51 25.34
CA ALA B 302 -2.40 -14.35 25.64
C ALA B 302 -2.62 -13.25 24.64
N CYS B 303 -2.65 -12.04 25.15
CA CYS B 303 -2.88 -10.88 24.34
C CYS B 303 -1.85 -9.85 24.73
N PHE B 304 -1.14 -9.35 23.74
CA PHE B 304 -0.18 -8.25 23.89
C PHE B 304 -0.66 -7.07 23.07
N GLN B 305 -0.94 -5.94 23.73
CA GLN B 305 -1.39 -4.73 23.05
C GLN B 305 -0.30 -3.66 22.91
N ILE B 306 -0.45 -2.86 21.87
CA ILE B 306 0.35 -1.68 21.58
C ILE B 306 -0.64 -0.54 21.46
N LEU B 307 -0.45 0.46 22.31
CA LEU B 307 -1.36 1.60 22.39
C LEU B 307 -0.59 2.83 22.00
N LEU B 308 -1.22 3.65 21.16
CA LEU B 308 -0.78 5.02 20.88
C LEU B 308 -1.73 5.96 21.61
N ARG B 309 -1.18 6.74 22.54
CA ARG B 309 -1.93 7.82 23.22
C ARG B 309 -1.30 9.15 22.92
N THR B 310 -2.10 10.20 22.96
CA THR B 310 -1.56 11.53 22.69
C THR B 310 -1.38 12.33 23.99
N LYS B 311 -2.49 12.67 24.63
CA LYS B 311 -2.41 13.49 25.84
C LYS B 311 -3.14 12.76 26.94
N GLY B 312 -2.88 11.46 26.97
CA GLY B 312 -3.69 10.51 27.71
C GLY B 312 -4.87 9.96 26.91
N ARG B 313 -5.29 10.69 25.86
CA ARG B 313 -6.35 10.27 24.92
C ARG B 313 -5.77 9.19 23.99
N LEU B 314 -6.50 8.08 23.84
CA LEU B 314 -6.07 6.96 23.02
C LEU B 314 -6.28 7.28 21.55
N HIS B 315 -5.20 7.20 20.79
CA HIS B 315 -5.25 7.46 19.35
C HIS B 315 -5.73 6.21 18.62
N GLY B 316 -4.94 5.15 18.76
CA GLY B 316 -5.20 3.85 18.15
C GLY B 316 -4.60 2.71 18.95
N LYS B 317 -4.99 1.49 18.60
CA LYS B 317 -4.62 0.34 19.40
C LYS B 317 -4.50 -0.93 18.56
N PHE B 318 -3.35 -1.59 18.66
CA PHE B 318 -3.13 -2.88 18.01
C PHE B 318 -3.06 -4.00 19.08
N SER B 319 -4.04 -4.89 19.11
CA SER B 319 -4.07 -6.03 20.03
C SER B 319 -3.64 -7.27 19.27
N LEU B 320 -2.56 -7.91 19.72
CA LEU B 320 -1.98 -9.11 19.07
C LEU B 320 -2.15 -10.31 19.98
N VAL B 321 -2.89 -11.32 19.52
CA VAL B 321 -3.36 -12.42 20.36
C VAL B 321 -2.86 -13.83 19.98
N ASP B 322 -2.18 -14.48 20.92
CA ASP B 322 -1.77 -15.92 20.85
C ASP B 322 -2.91 -16.74 21.45
N LEU B 323 -3.87 -17.15 20.63
CA LEU B 323 -5.06 -17.90 21.15
C LEU B 323 -4.75 -19.26 21.82
N ALA B 324 -5.79 -19.87 22.38
CA ALA B 324 -5.67 -21.13 23.09
C ALA B 324 -5.91 -22.24 22.07
N GLY B 325 -5.44 -23.42 22.42
CA GLY B 325 -5.58 -24.61 21.55
C GLY B 325 -7.03 -24.91 21.15
N ASN B 326 -7.25 -24.98 19.83
CA ASN B 326 -8.63 -25.14 19.31
C ASN B 326 -9.18 -26.57 19.47
N GLU B 327 -8.29 -27.50 19.72
CA GLU B 327 -8.65 -28.89 19.88
C GLU B 327 -9.01 -29.23 21.29
N ARG B 328 -8.83 -28.28 22.18
CA ARG B 328 -9.31 -28.39 23.55
C ARG B 328 -10.81 -28.21 23.59
N GLY B 329 -11.42 -28.16 22.42
CA GLY B 329 -12.82 -27.88 22.30
C GLY B 329 -13.62 -29.17 22.29
N ALA B 330 -13.21 -30.09 23.15
CA ALA B 330 -13.87 -31.39 23.29
C ALA B 330 -14.57 -31.48 24.64
N ARG B 340 -11.41 -29.85 34.58
CA ARG B 340 -10.79 -29.80 33.25
C ARG B 340 -11.78 -29.72 32.06
N MET B 341 -12.95 -29.11 32.28
CA MET B 341 -13.82 -28.65 31.20
C MET B 341 -13.68 -27.11 31.10
N GLU B 342 -12.45 -26.65 31.28
CA GLU B 342 -11.98 -25.38 30.73
C GLU B 342 -12.16 -25.34 29.19
N GLY B 343 -12.05 -26.50 28.56
CA GLY B 343 -12.37 -26.68 27.15
C GLY B 343 -13.72 -26.17 26.67
N ALA B 344 -14.68 -26.06 27.58
CA ALA B 344 -15.95 -25.39 27.27
C ALA B 344 -15.74 -23.89 27.09
N GLU B 345 -15.06 -23.28 28.07
CA GLU B 345 -14.70 -21.85 28.01
C GLU B 345 -13.93 -21.53 26.70
N ILE B 346 -12.93 -22.36 26.41
CA ILE B 346 -12.13 -22.19 25.19
C ILE B 346 -13.01 -22.24 23.94
N ASN B 347 -13.92 -23.18 23.90
CA ASN B 347 -14.83 -23.28 22.76
C ASN B 347 -15.72 -22.05 22.58
N LYS B 348 -16.37 -21.63 23.65
CA LYS B 348 -17.28 -20.47 23.61
C LYS B 348 -16.55 -19.20 23.17
N SER B 349 -15.31 -19.05 23.63
CA SER B 349 -14.40 -17.97 23.21
C SER B 349 -14.27 -17.91 21.71
N LEU B 350 -13.83 -19.04 21.14
CA LEU B 350 -13.47 -19.15 19.72
C LEU B 350 -14.70 -19.06 18.84
N LEU B 351 -15.82 -19.63 19.28
CA LEU B 351 -17.11 -19.37 18.59
C LEU B 351 -17.49 -17.88 18.65
N ALA B 352 -17.32 -17.29 19.81
CA ALA B 352 -17.62 -15.89 19.96
C ALA B 352 -16.72 -15.04 19.06
N LEU B 353 -15.44 -15.35 19.09
CA LEU B 353 -14.47 -14.62 18.28
C LEU B 353 -14.90 -14.62 16.83
N LYS B 354 -15.27 -15.79 16.33
CA LYS B 354 -15.81 -15.97 14.97
C LYS B 354 -16.99 -15.05 14.69
N GLU B 355 -17.91 -14.95 15.62
CA GLU B 355 -19.07 -14.07 15.43
C GLU B 355 -18.68 -12.59 15.48
N CYS B 356 -17.77 -12.22 16.37
CA CYS B 356 -17.29 -10.83 16.41
C CYS B 356 -16.56 -10.44 15.13
N ILE B 357 -15.72 -11.33 14.63
CA ILE B 357 -14.99 -11.05 13.41
C ILE B 357 -15.99 -10.86 12.29
N ARG B 358 -17.00 -11.69 12.25
CA ARG B 358 -17.98 -11.54 11.19
C ARG B 358 -18.83 -10.28 11.42
N ALA B 359 -19.29 -10.05 12.62
CA ALA B 359 -19.90 -8.75 12.97
C ALA B 359 -19.15 -7.55 12.39
N LEU B 360 -17.82 -7.62 12.38
CA LEU B 360 -16.96 -6.49 11.95
C LEU B 360 -17.21 -6.07 10.52
N GLY B 361 -17.02 -6.99 9.59
CA GLY B 361 -17.24 -6.77 8.15
C GLY B 361 -18.69 -7.02 7.69
N GLN B 362 -19.67 -6.42 8.37
CA GLN B 362 -21.12 -6.55 8.00
C GLN B 362 -21.97 -5.33 8.38
N PRO B 368 -23.39 -10.33 19.72
CA PRO B 368 -22.38 -10.49 20.76
C PRO B 368 -21.78 -11.94 20.86
N PHE B 369 -22.60 -13.02 20.86
CA PHE B 369 -24.00 -13.11 21.39
C PHE B 369 -24.08 -14.00 22.66
N ARG B 370 -23.31 -15.10 22.65
CA ARG B 370 -22.85 -15.82 23.85
C ARG B 370 -21.42 -15.34 24.13
N GLU B 371 -21.34 -14.23 24.88
CA GLU B 371 -20.08 -13.55 25.18
C GLU B 371 -19.04 -14.44 25.86
N SER B 372 -17.82 -13.94 25.84
CA SER B 372 -16.68 -14.53 26.54
C SER B 372 -15.85 -13.31 26.91
N LYS B 373 -14.89 -13.55 27.81
CA LYS B 373 -14.05 -12.44 28.27
C LYS B 373 -13.10 -11.93 27.19
N LEU B 374 -12.61 -12.87 26.40
CA LEU B 374 -11.75 -12.59 25.26
C LEU B 374 -12.46 -11.55 24.43
N THR B 375 -13.72 -11.80 24.12
CA THR B 375 -14.47 -10.93 23.20
C THR B 375 -15.04 -9.68 23.86
N GLN B 376 -15.16 -9.71 25.19
CA GLN B 376 -15.45 -8.49 25.99
C GLN B 376 -14.28 -7.55 25.91
N VAL B 377 -13.15 -8.03 26.41
CA VAL B 377 -11.91 -7.26 26.44
C VAL B 377 -11.59 -6.65 25.07
N LEU B 378 -11.77 -7.44 24.01
CA LEU B 378 -11.43 -7.00 22.66
C LEU B 378 -12.59 -6.34 21.92
N ARG B 379 -13.73 -6.17 22.59
CA ARG B 379 -14.98 -5.64 21.97
C ARG B 379 -14.77 -4.37 21.17
N ASP B 380 -14.06 -3.40 21.74
CA ASP B 380 -13.84 -2.10 21.09
C ASP B 380 -13.14 -2.23 19.73
N SER B 381 -12.31 -3.26 19.59
CA SER B 381 -11.53 -3.52 18.35
C SER B 381 -12.32 -4.22 17.20
N PHE B 382 -13.62 -4.45 17.40
CA PHE B 382 -14.58 -4.92 16.34
C PHE B 382 -15.75 -3.97 16.02
N ILE B 383 -16.38 -3.41 17.04
CA ILE B 383 -17.50 -2.43 16.93
C ILE B 383 -17.16 -1.17 16.10
N GLY B 384 -15.90 -0.74 16.17
CA GLY B 384 -15.42 0.43 15.41
C GLY B 384 -15.66 0.35 13.89
N GLU B 385 -15.88 1.48 13.24
CA GLU B 385 -15.89 1.44 11.76
C GLU B 385 -14.51 1.53 11.12
N ASN B 386 -13.50 2.04 11.84
CA ASN B 386 -12.10 2.03 11.35
C ASN B 386 -11.32 0.93 12.09
N SER B 387 -11.71 -0.30 11.82
CA SER B 387 -11.17 -1.50 12.49
C SER B 387 -10.82 -2.60 11.49
N ARG B 388 -9.58 -3.06 11.52
CA ARG B 388 -9.13 -4.19 10.69
C ARG B 388 -8.73 -5.37 11.55
N THR B 389 -8.68 -6.55 10.93
CA THR B 389 -8.27 -7.79 11.61
C THR B 389 -7.61 -8.75 10.65
N CYS B 390 -6.82 -9.65 11.22
CA CYS B 390 -6.08 -10.67 10.50
C CYS B 390 -6.01 -11.94 11.32
N MET B 391 -6.38 -13.07 10.72
CA MET B 391 -6.39 -14.38 11.39
C MET B 391 -5.28 -15.24 10.77
N ILE B 392 -4.48 -15.92 11.58
CA ILE B 392 -3.44 -16.83 11.05
C ILE B 392 -3.61 -18.24 11.56
N ALA B 393 -4.22 -19.07 10.74
CA ALA B 393 -4.48 -20.48 11.07
C ALA B 393 -3.15 -21.24 11.08
N MET B 394 -2.86 -21.94 12.16
CA MET B 394 -1.62 -22.70 12.28
C MET B 394 -1.87 -24.19 12.11
N ILE B 395 -0.96 -24.82 11.35
CA ILE B 395 -1.15 -26.20 10.87
C ILE B 395 0.01 -27.09 11.28
N SER B 396 -0.29 -28.12 12.04
CA SER B 396 0.68 -29.19 12.28
C SER B 396 0.63 -30.21 11.10
N PRO B 397 1.76 -30.40 10.40
CA PRO B 397 1.71 -31.13 9.13
C PRO B 397 1.61 -32.63 9.25
N GLY B 398 1.83 -33.17 10.45
CA GLY B 398 1.76 -34.59 10.66
C GLY B 398 0.44 -35.27 10.30
N ILE B 399 0.58 -36.54 9.92
CA ILE B 399 -0.55 -37.44 9.61
C ILE B 399 -1.47 -37.61 10.80
N SER B 400 -0.89 -37.69 12.00
CA SER B 400 -1.65 -37.92 13.24
C SER B 400 -2.38 -36.68 13.70
N SER B 401 -1.99 -35.54 13.17
CA SER B 401 -2.75 -34.31 13.36
C SER B 401 -3.86 -34.02 12.34
N CYS B 402 -4.03 -34.87 11.34
CA CYS B 402 -4.91 -34.58 10.20
C CYS B 402 -6.33 -34.15 10.55
N GLU B 403 -6.92 -34.81 11.54
CA GLU B 403 -8.30 -34.47 11.93
C GLU B 403 -8.36 -33.09 12.60
N TYR B 404 -7.33 -32.78 13.39
CA TYR B 404 -7.16 -31.43 13.96
C TYR B 404 -6.96 -30.38 12.91
N THR B 405 -6.05 -30.67 11.98
CA THR B 405 -5.75 -29.79 10.84
C THR B 405 -7.01 -29.39 10.07
N LEU B 406 -7.82 -30.39 9.77
CA LEU B 406 -9.09 -30.21 9.04
C LEU B 406 -10.11 -29.37 9.85
N ASN B 407 -10.07 -29.55 11.16
CA ASN B 407 -10.84 -28.73 12.07
C ASN B 407 -10.33 -27.30 12.07
N THR B 408 -9.02 -27.06 12.17
CA THR B 408 -8.44 -25.68 12.13
C THR B 408 -8.87 -24.98 10.82
N LEU B 409 -8.67 -25.69 9.71
CA LEU B 409 -8.99 -25.17 8.38
C LEU B 409 -10.45 -24.81 8.18
N ARG B 410 -11.37 -25.54 8.80
CA ARG B 410 -12.81 -25.25 8.64
C ARG B 410 -13.28 -24.09 9.44
N TYR B 411 -12.64 -23.87 10.57
CA TYR B 411 -12.90 -22.67 11.37
C TYR B 411 -12.55 -21.51 10.48
N ALA B 412 -11.34 -21.58 9.94
CA ALA B 412 -10.75 -20.53 9.10
C ALA B 412 -11.60 -20.26 7.87
N ASP B 413 -12.09 -21.31 7.25
CA ASP B 413 -13.01 -21.18 6.12
C ASP B 413 -14.17 -20.29 6.52
N ARG B 414 -14.83 -20.65 7.61
CA ARG B 414 -16.04 -19.92 7.99
C ARG B 414 -15.80 -18.44 8.41
N VAL B 415 -14.56 -18.09 8.79
CA VAL B 415 -14.16 -16.69 9.12
C VAL B 415 -14.02 -15.88 7.84
N LYS B 416 -13.22 -16.39 6.92
CA LYS B 416 -12.99 -15.74 5.61
C LYS B 416 -14.29 -15.63 4.82
N GLU B 417 -15.20 -16.57 5.02
CA GLU B 417 -16.53 -16.60 4.40
C GLU B 417 -17.23 -15.26 4.40
N LEU B 418 -16.99 -14.41 5.40
CA LEU B 418 -17.51 -13.04 5.34
C LEU B 418 -16.75 -12.04 4.44
N SER B 419 -15.43 -12.12 4.38
CA SER B 419 -14.64 -11.26 3.45
C SER B 419 -14.93 -11.52 1.95
PB ADP C . 1.24 14.85 -26.24
O1B ADP C . 1.89 15.21 -27.54
O2B ADP C . 1.02 15.97 -25.23
O3B ADP C . 1.93 13.61 -25.71
PA ADP C . -0.81 13.07 -26.95
O1A ADP C . 0.11 12.32 -27.86
O2A ADP C . -1.32 12.46 -25.66
O3A ADP C . -0.28 14.54 -26.64
O5' ADP C . -2.03 13.28 -27.96
C5' ADP C . -2.80 12.12 -28.18
C4' ADP C . -2.60 11.52 -29.57
O4' ADP C . -1.74 10.38 -29.54
C3' ADP C . -3.93 10.94 -30.00
O3' ADP C . -3.92 10.78 -31.43
C2' ADP C . -3.96 9.61 -29.26
O2' ADP C . -4.97 8.73 -29.77
C1' ADP C . -2.51 9.16 -29.42
N9 ADP C . -2.06 8.31 -28.27
C8 ADP C . -1.19 8.71 -27.32
N7 ADP C . -0.95 7.75 -26.40
C5 ADP C . -1.67 6.70 -26.75
C6 ADP C . -1.84 5.35 -26.18
N6 ADP C . -1.16 5.04 -25.04
N1 ADP C . -2.68 4.48 -26.82
C2 ADP C . -3.34 4.87 -27.94
N3 ADP C . -3.21 6.09 -28.51
C4 ADP C . -2.40 7.05 -27.98
BE BEF D . 1.33 19.39 -23.60
F1 BEF D . 0.21 20.24 -24.68
F2 BEF D . 0.95 19.33 -21.89
F3 BEF D . 2.82 18.61 -24.16
MG MG E . -0.68 17.70 -25.82
PB ADP F . 1.54 -23.51 20.05
O1B ADP F . 1.92 -22.37 20.97
O2B ADP F . 0.72 -23.09 18.85
O3B ADP F . 1.11 -24.77 20.75
PA ADP F . 4.29 -23.36 19.72
O1A ADP F . 4.50 -22.13 18.87
O2A ADP F . 4.48 -23.28 21.22
O3A ADP F . 2.89 -24.02 19.38
O5' ADP F . 5.16 -24.61 19.22
C5' ADP F . 6.51 -24.38 19.49
C4' ADP F . 7.41 -25.56 19.22
O4' ADP F . 7.37 -26.02 17.86
C3' ADP F . 8.78 -24.97 19.47
O3' ADP F . 9.64 -25.97 20.02
C2' ADP F . 9.16 -24.45 18.09
O2' ADP F . 10.58 -24.41 17.94
C1' ADP F . 8.42 -25.38 17.11
N9 ADP F . 7.86 -24.61 15.95
C8 ADP F . 6.61 -24.12 15.89
N7 ADP F . 6.38 -23.45 14.74
C5 ADP F . 7.51 -23.51 14.02
C6 ADP F . 7.94 -22.99 12.70
N6 ADP F . 7.02 -22.29 11.96
N1 ADP F . 9.21 -23.24 12.30
C2 ADP F . 10.07 -23.94 13.08
N3 ADP F . 9.74 -24.43 14.29
C4 ADP F . 8.50 -24.26 14.83
BE BEF G . -1.40 -20.57 23.98
F1 BEF G . -1.71 -21.83 22.78
F2 BEF G . -1.64 -18.87 23.55
F3 BEF G . -0.83 -20.95 25.61
MG MG H . 1.34 -21.86 23.22
#